data_1HPN
# 
_entry.id   1HPN 
# 
_audit_conform.dict_name       mmcif_pdbx.dic 
_audit_conform.dict_version    5.391 
_audit_conform.dict_location   http://mmcif.pdb.org/dictionaries/ascii/mmcif_pdbx.dic 
# 
loop_
_database_2.database_id 
_database_2.database_code 
_database_2.pdbx_database_accession 
_database_2.pdbx_DOI 
PDB   1HPN         pdb_00001hpn 10.2210/pdb1hpn/pdb 
WWPDB D_1000173959 ?            ?                   
# 
loop_
_pdbx_audit_revision_history.ordinal 
_pdbx_audit_revision_history.data_content_type 
_pdbx_audit_revision_history.major_revision 
_pdbx_audit_revision_history.minor_revision 
_pdbx_audit_revision_history.revision_date 
1 'Structure model' 1 0 1995-03-31 
2 'Structure model' 1 1 2008-03-24 
3 'Structure model' 1 2 2011-07-13 
4 'Structure model' 2 0 2020-07-29 
5 'Structure model' 2 1 2024-05-01 
# 
loop_
_pdbx_audit_revision_details.ordinal 
_pdbx_audit_revision_details.revision_ordinal 
_pdbx_audit_revision_details.data_content_type 
_pdbx_audit_revision_details.provider 
_pdbx_audit_revision_details.type 
_pdbx_audit_revision_details.description 
_pdbx_audit_revision_details.details 
1 1 'Structure model' repository 'Initial release' ?                          ? 
2 4 'Structure model' repository Remediation       'Carbohydrate remediation' ? 
# 
loop_
_pdbx_audit_revision_group.ordinal 
_pdbx_audit_revision_group.revision_ordinal 
_pdbx_audit_revision_group.data_content_type 
_pdbx_audit_revision_group.group 
1  2 'Structure model' 'Version format compliance' 
2  3 'Structure model' 'Non-polymer description'   
3  3 'Structure model' 'Version format compliance' 
4  4 'Structure model' 'Atomic model'              
5  4 'Structure model' 'Data collection'           
6  4 'Structure model' 'Derived calculations'      
7  4 'Structure model' Other                       
8  4 'Structure model' 'Structure summary'         
9  5 'Structure model' 'Data collection'           
10 5 'Structure model' 'Database references'       
11 5 'Structure model' 'Structure summary'         
# 
loop_
_pdbx_audit_revision_category.ordinal 
_pdbx_audit_revision_category.revision_ordinal 
_pdbx_audit_revision_category.data_content_type 
_pdbx_audit_revision_category.category 
1  4 'Structure model' atom_site                     
2  4 'Structure model' chem_comp                     
3  4 'Structure model' entity                        
4  4 'Structure model' pdbx_branch_scheme            
5  4 'Structure model' pdbx_chem_comp_identifier     
6  4 'Structure model' pdbx_database_status          
7  4 'Structure model' pdbx_entity_branch            
8  4 'Structure model' pdbx_entity_branch_descriptor 
9  4 'Structure model' pdbx_entity_branch_link       
10 4 'Structure model' pdbx_entity_branch_list       
11 4 'Structure model' pdbx_entity_nonpoly           
12 4 'Structure model' pdbx_nonpoly_scheme           
13 4 'Structure model' pdbx_struct_assembly_gen      
14 4 'Structure model' struct_asym                   
15 4 'Structure model' struct_conn                   
16 4 'Structure model' struct_site                   
17 4 'Structure model' struct_site_gen               
18 5 'Structure model' chem_comp                     
19 5 'Structure model' chem_comp_atom                
20 5 'Structure model' chem_comp_bond                
21 5 'Structure model' database_2                    
# 
loop_
_pdbx_audit_revision_item.ordinal 
_pdbx_audit_revision_item.revision_ordinal 
_pdbx_audit_revision_item.data_content_type 
_pdbx_audit_revision_item.item 
1  4 'Structure model' '_atom_site.Cartn_x'                     
2  4 'Structure model' '_atom_site.Cartn_y'                     
3  4 'Structure model' '_atom_site.Cartn_z'                     
4  4 'Structure model' '_atom_site.auth_atom_id'                
5  4 'Structure model' '_atom_site.auth_comp_id'                
6  4 'Structure model' '_atom_site.auth_seq_id'                 
7  4 'Structure model' '_atom_site.label_asym_id'               
8  4 'Structure model' '_atom_site.label_atom_id'               
9  4 'Structure model' '_atom_site.label_comp_id'               
10 4 'Structure model' '_atom_site.label_entity_id'             
11 4 'Structure model' '_atom_site.type_symbol'                 
12 4 'Structure model' '_chem_comp.mon_nstd_flag'               
13 4 'Structure model' '_chem_comp.name'                        
14 4 'Structure model' '_chem_comp.type'                        
15 4 'Structure model' '_pdbx_database_status.process_site'     
16 4 'Structure model' '_pdbx_struct_assembly_gen.asym_id_list' 
17 4 'Structure model' '_struct_conn.pdbx_dist_value'           
18 4 'Structure model' '_struct_conn.pdbx_leaving_atom_flag'    
19 4 'Structure model' '_struct_conn.pdbx_value_order'          
20 4 'Structure model' '_struct_conn.ptnr1_label_asym_id'       
21 4 'Structure model' '_struct_conn.ptnr1_label_atom_id'       
22 4 'Structure model' '_struct_conn.ptnr2_label_asym_id'       
23 4 'Structure model' '_struct_conn.ptnr2_label_atom_id'       
24 5 'Structure model' '_chem_comp.pdbx_synonyms'               
25 5 'Structure model' '_database_2.pdbx_DOI'                   
26 5 'Structure model' '_database_2.pdbx_database_accession'    
# 
_pdbx_database_status.status_code                     REL 
_pdbx_database_status.entry_id                        1HPN 
_pdbx_database_status.recvd_initial_deposition_date   1995-01-17 
_pdbx_database_status.deposit_site                    ? 
_pdbx_database_status.process_site                    BNL 
_pdbx_database_status.SG_entry                        . 
_pdbx_database_status.pdb_format_compatible           Y 
_pdbx_database_status.status_code_mr                  ? 
_pdbx_database_status.status_code_sf                  ? 
_pdbx_database_status.status_code_cs                  ? 
_pdbx_database_status.status_code_nmr_data            ? 
_pdbx_database_status.methods_development_category    ? 
# 
loop_
_audit_author.name 
_audit_author.pdbx_ordinal 
'Mulloy, B.'    1 
'Forster, M.J.' 2 
# 
loop_
_citation.id 
_citation.title 
_citation.journal_abbrev 
_citation.journal_volume 
_citation.page_first 
_citation.page_last 
_citation.year 
_citation.journal_id_ASTM 
_citation.country 
_citation.journal_id_ISSN 
_citation.journal_id_CSD 
_citation.book_publisher 
_citation.pdbx_database_id_PubMed 
_citation.pdbx_database_id_DOI 
primary 'N.m.r. and molecular-modelling studies of the solution conformation of heparin.' Biochem.J.     293 849 858 1993 BIJOAK 
UK 0264-6021 0043 ? 8352752 ? 
1       
'The Effect of Variation of Substitution on the Solution Conformation of Heparin: A Spectroscopic and Molecular Modelling Study' 
Carbohydr.Res. 255 1   ?   1994 CRBRAT NE 0008-6215 0156 ? ?       ? 
2       'Noemol: Integrated Molecular Graphics and the Simulation of Nuclear Overhauser Effects in NMR Spectroscopy' 
J.Mol.Graphics 7   196 ?   1989 JMGRDV UK 0263-7855 0949 ? ?       ? 
# 
loop_
_citation_author.citation_id 
_citation_author.name 
_citation_author.ordinal 
_citation_author.identifier_ORCID 
primary 'Mulloy, B.'    1  ? 
primary 'Forster, M.J.' 2  ? 
primary 'Jones, C.'     3  ? 
primary 'Davies, D.B.'  4  ? 
1       'Mulloy, B.'    5  ? 
1       'Forster, M.J.' 6  ? 
1       'Jones, C.'     7  ? 
1       'Drake, A.F.'   8  ? 
1       'Johnson, E.A.' 9  ? 
1       'Davies, D.B.'  10 ? 
2       'Forster, M.J.' 11 ? 
2       'Jones, C.'     12 ? 
2       'Mulloy, B.'    13 ? 
# 
_entity.id                         1 
_entity.type                       branched 
_entity.src_method                 man 
_entity.pdbx_description           
;2-O-sulfo-alpha-L-idopyranuronic acid-(1-4)-2-deoxy-6-O-sulfo-2-(sulfoamino)-alpha-D-glucopyranose-(1-4)-2-O-sulfo-alpha-L-idopyranuronic acid-(1-4)-2-deoxy-6-O-sulfo-2-(sulfoamino)-alpha-D-glucopyranose-(1-4)-2-O-sulfo-alpha-L-idopyranuronic acid-(1-4)-2-deoxy-6-O-sulfo-2-(sulfoamino)-alpha-D-glucopyranose-(1-4)-2-O-sulfo-alpha-L-idopyranuronic acid-(1-4)-2-deoxy-6-O-sulfo-2-(sulfoamino)-alpha-D-glucopyranose-(1-4)-2-O-sulfo-alpha-L-idopyranuronic acid-(1-4)-2-deoxy-6-O-sulfo-2-(sulfoamino)-alpha-D-glucopyranose-(1-4)-2-O-sulfo-alpha-L-idopyranuronic acid-(1-4)-2-deoxy-6-O-sulfo-2-(sulfoamino)-alpha-D-glucopyranose
;
_entity.formula_weight             3482.839 
_entity.pdbx_number_of_molecules   1 
_entity.pdbx_ec                    ? 
_entity.pdbx_mutation              ? 
_entity.pdbx_fragment              ? 
_entity.details                    ? 
# 
_pdbx_entity_branch.entity_id   1 
_pdbx_entity_branch.type        oligosaccharide 
# 
loop_
_pdbx_entity_branch_descriptor.ordinal 
_pdbx_entity_branch_descriptor.entity_id 
_pdbx_entity_branch_descriptor.descriptor 
_pdbx_entity_branch_descriptor.type 
_pdbx_entity_branch_descriptor.program 
_pdbx_entity_branch_descriptor.program_version 
1 1 
;WURCS=2.0/2,12,11/[a2122h-1a_1-5_2*NSO/3=O/3=O_6*OSO/3=O/3=O][a2121A-1a_1-5_2*OSO/3=O/3=O]/1-2-1-2-1-2-1-2-1-2-1-2/a4-b1_b4-c1_c4-d1_d4-e1_e4-f1_f4-g1_g4-h1_h4-i1_i4-j1_j4-k1_k4-l1
;
WURCS  PDB2Glycan 1.1.0 
2 1 
;[][a-D-GlcpNSO36SO3]{[(4+1)][a-L-IdopA2SO3]{[(4+1)][a-D-GlcpNSO36SO3]{[(4+1)][a-L-IdopA2SO3]{[(4+1)][a-D-GlcpNSO36SO3]{[(4+1)][a-L-IdopA2SO3]{[(4+1)][a-D-GlcpNSO36SO3]{[(4+1)][a-L-IdopA2SO3]{[(4+1)][a-D-GlcpNSO36SO3]{[(4+1)][a-L-IdopA2SO3]{[(4+1)][a-D-GlcpNSO36SO3]{[(4+1)][a-L-IdopA2SO3]{}}}}}}}}}}}}
;
LINUCS PDB-CARE   ?     
# 
loop_
_pdbx_entity_branch_link.link_id 
_pdbx_entity_branch_link.entity_id 
_pdbx_entity_branch_link.entity_branch_list_num_1 
_pdbx_entity_branch_link.comp_id_1 
_pdbx_entity_branch_link.atom_id_1 
_pdbx_entity_branch_link.leaving_atom_id_1 
_pdbx_entity_branch_link.entity_branch_list_num_2 
_pdbx_entity_branch_link.comp_id_2 
_pdbx_entity_branch_link.atom_id_2 
_pdbx_entity_branch_link.leaving_atom_id_2 
_pdbx_entity_branch_link.value_order 
_pdbx_entity_branch_link.details 
1  1 2  IDS C1 O1 1  SGN O4 HO4 sing ? 
2  1 3  SGN C1 O1 2  IDS O4 HO4 sing ? 
3  1 4  IDS C1 O1 3  SGN O4 HO4 sing ? 
4  1 5  SGN C1 O1 4  IDS O4 HO4 sing ? 
5  1 6  IDS C1 O1 5  SGN O4 HO4 sing ? 
6  1 7  SGN C1 O1 6  IDS O4 HO4 sing ? 
7  1 8  IDS C1 O1 7  SGN O4 HO4 sing ? 
8  1 9  SGN C1 O1 8  IDS O4 HO4 sing ? 
9  1 10 IDS C1 O1 9  SGN O4 HO4 sing ? 
10 1 11 SGN C1 O1 10 IDS O4 HO4 sing ? 
11 1 12 IDS C1 O1 11 SGN O4 HO4 sing ? 
# 
loop_
_chem_comp.id 
_chem_comp.type 
_chem_comp.mon_nstd_flag 
_chem_comp.name 
_chem_comp.pdbx_synonyms 
_chem_comp.formula 
_chem_comp.formula_weight 
IDS 'L-saccharide, alpha linking' n '2-O-sulfo-alpha-L-idopyranuronic acid'                  
'O2-SULFO-GLUCURONIC ACID; 2-O-sulfo-alpha-L-iduronic acid; 2-O-sulfo-L-iduronic acid; 2-O-sulfo-iduronic acid' 'C6 H10 O10 S'    
274.203 
SGN 'D-saccharide, alpha linking' n '2-deoxy-6-O-sulfo-2-(sulfoamino)-alpha-D-glucopyranose' 
;N,O6-DISULFO-GLUCOSAMINE; 6-O-sulfo-N-sulfo-alpha-D-glucosamine; 2-deoxy-6-O-sulfo-2-(sulfoamino)-alpha-D-glucose; 2-deoxy-6-O-sulfo-2-(sulfoamino)-D-glucose; 2-deoxy-6-O-sulfo-2-(sulfoamino)-glucose
;
'C6 H13 N O11 S2' 339.298 
# 
loop_
_pdbx_chem_comp_identifier.comp_id 
_pdbx_chem_comp_identifier.type 
_pdbx_chem_comp_identifier.program 
_pdbx_chem_comp_identifier.program_version 
_pdbx_chem_comp_identifier.identifier 
IDS 'IUPAC CARBOHYDRATE SYMBOL'           PDB-CARE 1.0 a-L-IdopA2SO3                     
SGN 'CONDENSED IUPAC CARBOHYDRATE SYMBOL' GMML     1.0 'DGlcpNS[6S]a'                    
SGN 'COMMON NAME'                         GMML     1.0 N-sulfo-6-sulfo-a-D-glucopyranose 
SGN 'IUPAC CARBOHYDRATE SYMBOL'           PDB-CARE 1.0 a-D-GlcpNSO36SO3                  
# 
loop_
_pdbx_branch_scheme.asym_id 
_pdbx_branch_scheme.entity_id 
_pdbx_branch_scheme.mon_id 
_pdbx_branch_scheme.num 
_pdbx_branch_scheme.pdb_asym_id 
_pdbx_branch_scheme.pdb_mon_id 
_pdbx_branch_scheme.pdb_seq_num 
_pdbx_branch_scheme.auth_asym_id 
_pdbx_branch_scheme.auth_mon_id 
_pdbx_branch_scheme.auth_seq_num 
_pdbx_branch_scheme.hetero 
A 1 SGN 1  A SGN 1  ? SGN 1  n 
A 1 IDS 2  A IDS 2  ? IDS 2  n 
A 1 SGN 3  A SGN 3  ? SGN 3  n 
A 1 IDS 4  A IDS 4  ? IDS 4  n 
A 1 SGN 5  A SGN 5  ? SGN 5  n 
A 1 IDS 6  A IDS 6  ? IDS 6  n 
A 1 SGN 7  A SGN 7  ? SGN 7  n 
A 1 IDS 8  A IDS 8  ? IDS 8  n 
A 1 SGN 9  A SGN 9  ? SGN 9  n 
A 1 IDS 10 A IDS 10 ? IDS 10 n 
A 1 SGN 11 A SGN 11 ? SGN 11 n 
A 1 IDS 12 A IDS 12 ? IDS 12 n 
# 
_cell.entry_id           1HPN 
_cell.length_a           1.000 
_cell.length_b           1.000 
_cell.length_c           1.000 
_cell.angle_alpha        90.00 
_cell.angle_beta         90.00 
_cell.angle_gamma        90.00 
_cell.Z_PDB              1 
_cell.pdbx_unique_axis   ? 
# 
_symmetry.entry_id                         1HPN 
_symmetry.space_group_name_H-M             'P 1' 
_symmetry.pdbx_full_space_group_name_H-M   ? 
_symmetry.cell_setting                     ? 
_symmetry.Int_Tables_number                1 
# 
_exptl.entry_id          1HPN 
_exptl.method            'SOLUTION NMR' 
_exptl.crystals_number   ? 
# 
_struct.entry_id                  1HPN 
_struct.title                     'N.M.R. AND MOLECULAR-MODELLING STUDIES OF THE SOLUTION CONFORMATION OF HEPARIN' 
_struct.pdbx_model_details        ? 
_struct.pdbx_CASP_flag            ? 
_struct.pdbx_model_type_details   ? 
# 
_struct_keywords.entry_id        1HPN 
_struct_keywords.pdbx_keywords   GLYCOSAMINOGLYCAN 
_struct_keywords.text            GLYCOSAMINOGLYCAN 
# 
_struct_asym.id                            A 
_struct_asym.pdbx_blank_PDB_chainid_flag   Y 
_struct_asym.pdbx_modified                 N 
_struct_asym.entity_id                     1 
_struct_asym.details                       ? 
# 
_pdbx_struct_assembly.id                   1 
_pdbx_struct_assembly.details              author_defined_assembly 
_pdbx_struct_assembly.method_details       ? 
_pdbx_struct_assembly.oligomeric_details   monomeric 
_pdbx_struct_assembly.oligomeric_count     1 
# 
_pdbx_struct_assembly_gen.assembly_id       1 
_pdbx_struct_assembly_gen.oper_expression   1 
_pdbx_struct_assembly_gen.asym_id_list      A 
# 
_pdbx_struct_oper_list.id                   1 
_pdbx_struct_oper_list.type                 'identity operation' 
_pdbx_struct_oper_list.name                 1_555 
_pdbx_struct_oper_list.symmetry_operation   x,y,z 
_pdbx_struct_oper_list.matrix[1][1]         1.0000000000 
_pdbx_struct_oper_list.matrix[1][2]         0.0000000000 
_pdbx_struct_oper_list.matrix[1][3]         0.0000000000 
_pdbx_struct_oper_list.vector[1]            0.0000000000 
_pdbx_struct_oper_list.matrix[2][1]         0.0000000000 
_pdbx_struct_oper_list.matrix[2][2]         1.0000000000 
_pdbx_struct_oper_list.matrix[2][3]         0.0000000000 
_pdbx_struct_oper_list.vector[2]            0.0000000000 
_pdbx_struct_oper_list.matrix[3][1]         0.0000000000 
_pdbx_struct_oper_list.matrix[3][2]         0.0000000000 
_pdbx_struct_oper_list.matrix[3][3]         1.0000000000 
_pdbx_struct_oper_list.vector[3]            0.0000000000 
# 
_struct_biol.id   1 
# 
loop_
_struct_conn.id 
_struct_conn.conn_type_id 
_struct_conn.pdbx_leaving_atom_flag 
_struct_conn.pdbx_PDB_id 
_struct_conn.ptnr1_label_asym_id 
_struct_conn.ptnr1_label_comp_id 
_struct_conn.ptnr1_label_seq_id 
_struct_conn.ptnr1_label_atom_id 
_struct_conn.pdbx_ptnr1_label_alt_id 
_struct_conn.pdbx_ptnr1_PDB_ins_code 
_struct_conn.pdbx_ptnr1_standard_comp_id 
_struct_conn.ptnr1_symmetry 
_struct_conn.ptnr2_label_asym_id 
_struct_conn.ptnr2_label_comp_id 
_struct_conn.ptnr2_label_seq_id 
_struct_conn.ptnr2_label_atom_id 
_struct_conn.pdbx_ptnr2_label_alt_id 
_struct_conn.pdbx_ptnr2_PDB_ins_code 
_struct_conn.ptnr1_auth_asym_id 
_struct_conn.ptnr1_auth_comp_id 
_struct_conn.ptnr1_auth_seq_id 
_struct_conn.ptnr2_auth_asym_id 
_struct_conn.ptnr2_auth_comp_id 
_struct_conn.ptnr2_auth_seq_id 
_struct_conn.ptnr2_symmetry 
_struct_conn.pdbx_ptnr3_label_atom_id 
_struct_conn.pdbx_ptnr3_label_seq_id 
_struct_conn.pdbx_ptnr3_label_comp_id 
_struct_conn.pdbx_ptnr3_label_asym_id 
_struct_conn.pdbx_ptnr3_label_alt_id 
_struct_conn.pdbx_ptnr3_PDB_ins_code 
_struct_conn.details 
_struct_conn.pdbx_dist_value 
_struct_conn.pdbx_value_order 
_struct_conn.pdbx_role 
covale1  covale both ? A SGN . O4 ? ? ? 1_555 A IDS . C1 ? ? A SGN 1  A IDS 2  1_555 ? ? ? ? ? ? ? 1.398 sing ? 
covale2  covale both ? A IDS . O4 ? ? ? 1_555 A SGN . C1 ? ? A IDS 2  A SGN 3  1_555 ? ? ? ? ? ? ? 1.398 sing ? 
covale3  covale both ? A SGN . O4 ? ? ? 1_555 A IDS . C1 ? ? A SGN 3  A IDS 4  1_555 ? ? ? ? ? ? ? 1.397 sing ? 
covale4  covale both ? A IDS . O4 ? ? ? 1_555 A SGN . C1 ? ? A IDS 4  A SGN 5  1_555 ? ? ? ? ? ? ? 1.397 sing ? 
covale5  covale both ? A SGN . O4 ? ? ? 1_555 A IDS . C1 ? ? A SGN 5  A IDS 6  1_555 ? ? ? ? ? ? ? 1.398 sing ? 
covale6  covale both ? A IDS . O4 ? ? ? 1_555 A SGN . C1 ? ? A IDS 6  A SGN 7  1_555 ? ? ? ? ? ? ? 1.399 sing ? 
covale7  covale both ? A SGN . O4 ? ? ? 1_555 A IDS . C1 ? ? A SGN 7  A IDS 8  1_555 ? ? ? ? ? ? ? 1.398 sing ? 
covale8  covale both ? A IDS . O4 ? ? ? 1_555 A SGN . C1 ? ? A IDS 8  A SGN 9  1_555 ? ? ? ? ? ? ? 1.398 sing ? 
covale9  covale both ? A SGN . O4 ? ? ? 1_555 A IDS . C1 ? ? A SGN 9  A IDS 10 1_555 ? ? ? ? ? ? ? 1.398 sing ? 
covale10 covale both ? A IDS . O4 ? ? ? 1_555 A SGN . C1 ? ? A IDS 10 A SGN 11 1_555 ? ? ? ? ? ? ? 1.398 sing ? 
covale11 covale both ? A SGN . O4 ? ? ? 1_555 A IDS . C1 ? ? A SGN 11 A IDS 12 1_555 ? ? ? ? ? ? ? 1.397 sing ? 
# 
_struct_conn_type.id          covale 
_struct_conn_type.criteria    ? 
_struct_conn_type.reference   ? 
# 
loop_
_pdbx_validate_close_contact.id 
_pdbx_validate_close_contact.PDB_model_num 
_pdbx_validate_close_contact.auth_atom_id_1 
_pdbx_validate_close_contact.auth_asym_id_1 
_pdbx_validate_close_contact.auth_comp_id_1 
_pdbx_validate_close_contact.auth_seq_id_1 
_pdbx_validate_close_contact.PDB_ins_code_1 
_pdbx_validate_close_contact.label_alt_id_1 
_pdbx_validate_close_contact.auth_atom_id_2 
_pdbx_validate_close_contact.auth_asym_id_2 
_pdbx_validate_close_contact.auth_comp_id_2 
_pdbx_validate_close_contact.auth_seq_id_2 
_pdbx_validate_close_contact.PDB_ins_code_2 
_pdbx_validate_close_contact.label_alt_id_2 
_pdbx_validate_close_contact.dist 
1 2 O2S A IDS 10 ? ? O3S A SGN 11 ? ? 1.71 
2 2 O2S A IDS 8  ? ? O3S A SGN 9  ? ? 1.71 
3 2 O1S A IDS 4  ? ? O3S A SGN 5  ? ? 1.72 
4 2 O1S A IDS 2  ? ? O3S A SGN 3  ? ? 1.72 
5 2 O2S A IDS 6  ? ? O3S A SGN 7  ? ? 1.79 
# 
_pdbx_nmr_ensemble.entry_id                             1HPN 
_pdbx_nmr_ensemble.conformers_calculated_total_number   ? 
_pdbx_nmr_ensemble.conformers_submitted_total_number    2 
_pdbx_nmr_ensemble.conformer_selection_criteria         ? 
# 
loop_
_pdbx_nmr_software.classification 
_pdbx_nmr_software.name 
_pdbx_nmr_software.version 
_pdbx_nmr_software.authors 
_pdbx_nmr_software.ordinal 
refinement NOEMOL ? FORSTER      1 
refinement MM2    ? ALLINGER,YUH 2 
# 
loop_
_chem_comp_atom.comp_id 
_chem_comp_atom.atom_id 
_chem_comp_atom.type_symbol 
_chem_comp_atom.pdbx_aromatic_flag 
_chem_comp_atom.pdbx_stereo_config 
_chem_comp_atom.pdbx_ordinal 
IDS C1   C N R 1  
IDS C2   C N R 2  
IDS C3   C N S 3  
IDS C4   C N S 4  
IDS C5   C N R 5  
IDS C6   C N N 6  
IDS O1   O N N 7  
IDS O2   O N N 8  
IDS O3   O N N 9  
IDS O4   O N N 10 
IDS O5   O N N 11 
IDS O6A  O N N 12 
IDS O6B  O N N 13 
IDS S    S N N 14 
IDS O1S  O N N 15 
IDS O2S  O N N 16 
IDS O3S  O N N 17 
IDS H1   H N N 18 
IDS H2   H N N 19 
IDS H3   H N N 20 
IDS H4   H N N 21 
IDS H5   H N N 22 
IDS HO1  H N N 23 
IDS HO3  H N N 24 
IDS HO4  H N N 25 
IDS HO6B H N N 26 
IDS HOS3 H N N 27 
SGN C1   C N S 28 
SGN C2   C N R 29 
SGN C3   C N R 30 
SGN C4   C N S 31 
SGN C5   C N R 32 
SGN C6   C N N 33 
SGN N2   N N N 34 
SGN O1   O N N 35 
SGN O3   O N N 36 
SGN O4   O N N 37 
SGN O5   O N N 38 
SGN O6   O N N 39 
SGN S1   S N N 40 
SGN O1S  O N N 41 
SGN O2S  O N N 42 
SGN O3S  O N N 43 
SGN S2   S N N 44 
SGN O4S  O N N 45 
SGN O5S  O N N 46 
SGN O6S  O N N 47 
SGN H1   H N N 48 
SGN H2   H N N 49 
SGN H3   H N N 50 
SGN H4   H N N 51 
SGN H5   H N N 52 
SGN H61  H N N 53 
SGN H62  H N N 54 
SGN HN21 H N N 55 
SGN HO1  H N N 56 
SGN HO3  H N N 57 
SGN HO4  H N N 58 
SGN HOS3 H N N 59 
SGN HOS6 H N N 60 
# 
loop_
_chem_comp_bond.comp_id 
_chem_comp_bond.atom_id_1 
_chem_comp_bond.atom_id_2 
_chem_comp_bond.value_order 
_chem_comp_bond.pdbx_aromatic_flag 
_chem_comp_bond.pdbx_stereo_config 
_chem_comp_bond.pdbx_ordinal 
IDS C1  C2   sing N N 1  
IDS C1  O1   sing N N 2  
IDS C1  O5   sing N N 3  
IDS C1  H1   sing N N 4  
IDS C2  C3   sing N N 5  
IDS C2  O2   sing N N 6  
IDS C2  H2   sing N N 7  
IDS C3  C4   sing N N 8  
IDS C3  O3   sing N N 9  
IDS C3  H3   sing N N 10 
IDS C4  C5   sing N N 11 
IDS C4  O4   sing N N 12 
IDS C4  H4   sing N N 13 
IDS C5  C6   sing N N 14 
IDS C5  O5   sing N N 15 
IDS C5  H5   sing N N 16 
IDS C6  O6A  doub N N 17 
IDS C6  O6B  sing N N 18 
IDS O1  HO1  sing N N 19 
IDS O2  S    sing N N 20 
IDS O3  HO3  sing N N 21 
IDS O4  HO4  sing N N 22 
IDS O6B HO6B sing N N 23 
IDS S   O1S  doub N N 24 
IDS S   O2S  doub N N 25 
IDS S   O3S  sing N N 26 
IDS O3S HOS3 sing N N 27 
SGN C1  C2   sing N N 28 
SGN C1  O1   sing N N 29 
SGN C1  O5   sing N N 30 
SGN C1  H1   sing N N 31 
SGN C2  C3   sing N N 32 
SGN C2  N2   sing N N 33 
SGN C2  H2   sing N N 34 
SGN C3  C4   sing N N 35 
SGN C3  O3   sing N N 36 
SGN C3  H3   sing N N 37 
SGN C4  C5   sing N N 38 
SGN C4  O4   sing N N 39 
SGN C4  H4   sing N N 40 
SGN C5  C6   sing N N 41 
SGN C5  O5   sing N N 42 
SGN C5  H5   sing N N 43 
SGN C6  O6   sing N N 44 
SGN C6  H61  sing N N 45 
SGN C6  H62  sing N N 46 
SGN N2  S1   sing N N 47 
SGN N2  HN21 sing N N 48 
SGN O1  HO1  sing N N 49 
SGN O3  HO3  sing N N 50 
SGN O4  HO4  sing N N 51 
SGN O6  S2   sing N N 52 
SGN S1  O1S  doub N N 53 
SGN S1  O2S  doub N N 54 
SGN S1  O3S  sing N N 55 
SGN O3S HOS3 sing N N 56 
SGN S2  O4S  doub N N 57 
SGN S2  O5S  doub N N 58 
SGN S2  O6S  sing N N 59 
SGN O6S HOS6 sing N N 60 
# 
loop_
_pdbx_entity_branch_list.entity_id 
_pdbx_entity_branch_list.comp_id 
_pdbx_entity_branch_list.num 
_pdbx_entity_branch_list.hetero 
1 SGN 1  n 
1 IDS 2  n 
1 SGN 3  n 
1 IDS 4  n 
1 SGN 5  n 
1 IDS 6  n 
1 SGN 7  n 
1 IDS 8  n 
1 SGN 9  n 
1 IDS 10 n 
1 SGN 11 n 
1 IDS 12 n 
# 
_atom_sites.entry_id                    1HPN 
_atom_sites.fract_transf_matrix[1][1]   1.000000 
_atom_sites.fract_transf_matrix[1][2]   0.000000 
_atom_sites.fract_transf_matrix[1][3]   0.000000 
_atom_sites.fract_transf_matrix[2][1]   0.000000 
_atom_sites.fract_transf_matrix[2][2]   1.000000 
_atom_sites.fract_transf_matrix[2][3]   0.000000 
_atom_sites.fract_transf_matrix[3][1]   0.000000 
_atom_sites.fract_transf_matrix[3][2]   0.000000 
_atom_sites.fract_transf_matrix[3][3]   1.000000 
_atom_sites.fract_transf_vector[1]      0.00000 
_atom_sites.fract_transf_vector[2]      0.00000 
_atom_sites.fract_transf_vector[3]      0.00000 
# 
loop_
_atom_type.symbol 
C 
H 
N 
O 
S 
# 
loop_
_atom_site.group_PDB 
_atom_site.id 
_atom_site.type_symbol 
_atom_site.label_atom_id 
_atom_site.label_alt_id 
_atom_site.label_comp_id 
_atom_site.label_asym_id 
_atom_site.label_entity_id 
_atom_site.label_seq_id 
_atom_site.pdbx_PDB_ins_code 
_atom_site.Cartn_x 
_atom_site.Cartn_y 
_atom_site.Cartn_z 
_atom_site.occupancy 
_atom_site.B_iso_or_equiv 
_atom_site.pdbx_formal_charge 
_atom_site.auth_seq_id 
_atom_site.auth_comp_id 
_atom_site.auth_asym_id 
_atom_site.auth_atom_id 
_atom_site.pdbx_PDB_model_num 
HETATM 1   C C1   . SGN A 1 . ? -3.138 -18.227 -17.071 1.00 0.00 ? 1  SGN A C1   1 
HETATM 2   C C2   . SGN A 1 . ? -3.759 -18.191 -15.667 1.00 0.00 ? 1  SGN A C2   1 
HETATM 3   C C3   . SGN A 1 . ? -4.749 -17.023 -15.561 1.00 0.00 ? 1  SGN A C3   1 
HETATM 4   C C4   . SGN A 1 . ? -4.046 -15.718 -15.964 1.00 0.00 ? 1  SGN A C4   1 
HETATM 5   C C5   . SGN A 1 . ? -3.435 -15.900 -17.365 1.00 0.00 ? 1  SGN A C5   1 
HETATM 6   C C6   . SGN A 1 . ? -2.644 -14.692 -17.887 1.00 0.00 ? 1  SGN A C6   1 
HETATM 7   N N2   . SGN A 1 . ? -4.413 -19.471 -15.388 1.00 0.00 ? 1  SGN A N2   1 
HETATM 8   O O1   . SGN A 1 . ? -4.109 -18.548 -18.030 1.00 0.00 ? 1  SGN A O1   1 
HETATM 9   O O3   . SGN A 1 . ? -5.180 -16.899 -14.224 1.00 0.00 ? 1  SGN A O3   1 
HETATM 10  O O4   . SGN A 1 . ? -5.038 -14.703 -15.995 1.00 0.00 ? 1  SGN A O4   1 
HETATM 11  O O5   . SGN A 1 . ? -2.537 -17.000 -17.364 1.00 0.00 ? 1  SGN A O5   1 
HETATM 12  O O6   . SGN A 1 . ? -1.642 -14.368 -16.947 1.00 0.00 ? 1  SGN A O6   1 
HETATM 13  S S1   . SGN A 1 . ? -3.606 -20.595 -14.515 1.00 0.00 ? 1  SGN A S1   1 
HETATM 14  O O1S  . SGN A 1 . ? -2.309 -20.763 -15.097 1.00 0.00 ? 1  SGN A O1S  1 
HETATM 15  O O2S  . SGN A 1 . ? -3.567 -20.102 -13.169 1.00 0.00 ? 1  SGN A O2S  1 
HETATM 16  O O3S  . SGN A 1 . ? -4.399 -21.785 -14.638 1.00 0.00 ? 1  SGN A O3S  1 
HETATM 17  S S2   . SGN A 1 . ? -0.638 -13.173 -17.008 1.00 0.00 ? 1  SGN A S2   1 
HETATM 18  O O4S  . SGN A 1 . ? -1.408 -11.973 -17.132 1.00 0.00 ? 1  SGN A O4S  1 
HETATM 19  O O5S  . SGN A 1 . ? 0.065  -13.243 -15.756 1.00 0.00 ? 1  SGN A O5S  1 
HETATM 20  O O6S  . SGN A 1 . ? 0.215  -13.422 -18.133 1.00 0.00 ? 1  SGN A O6S  1 
HETATM 21  H H1   . SGN A 1 . ? -2.318 -18.983 -17.075 1.00 0.00 ? 1  SGN A H1   1 
HETATM 22  H H2   . SGN A 1 . ? -2.946 -17.993 -14.925 1.00 0.00 ? 1  SGN A H2   1 
HETATM 23  H H3   . SGN A 1 . ? -5.653 -17.195 -16.194 1.00 0.00 ? 1  SGN A H3   1 
HETATM 24  H H4   . SGN A 1 . ? -3.260 -15.482 -15.206 1.00 0.00 ? 1  SGN A H4   1 
HETATM 25  H H5   . SGN A 1 . ? -4.245 -16.110 -18.105 1.00 0.00 ? 1  SGN A H5   1 
HETATM 26  H H61  . SGN A 1 . ? -2.142 -14.933 -18.853 1.00 0.00 ? 1  SGN A H61  1 
HETATM 27  H H62  . SGN A 1 . ? -3.306 -13.809 -18.041 1.00 0.00 ? 1  SGN A H62  1 
HETATM 28  H HN21 . SGN A 1 . ? -5.340 -19.339 -14.998 1.00 0.00 ? 1  SGN A HN21 1 
HETATM 29  H HO3  . SGN A 1 . ? -5.799 -17.580 -14.028 1.00 0.00 ? 1  SGN A HO3  1 
HETATM 30  C C1   . IDS A 1 . ? -4.719 -13.484 -15.389 1.00 0.00 ? 2  IDS A C1   1 
HETATM 31  C C2   . IDS A 1 . ? -5.932 -12.550 -15.545 1.00 0.00 ? 2  IDS A C2   1 
HETATM 32  C C3   . IDS A 1 . ? -5.943 -11.496 -14.435 1.00 0.00 ? 2  IDS A C3   1 
HETATM 33  C C4   . IDS A 1 . ? -5.950 -12.165 -13.050 1.00 0.00 ? 2  IDS A C4   1 
HETATM 34  C C5   . IDS A 1 . ? -5.406 -13.603 -13.145 1.00 0.00 ? 2  IDS A C5   1 
HETATM 35  C C6   . IDS A 1 . ? -4.994 -14.199 -11.803 1.00 0.00 ? 2  IDS A C6   1 
HETATM 36  O O2   . IDS A 1 . ? -5.828 -11.886 -16.789 1.00 0.00 ? 2  IDS A O2   1 
HETATM 37  O O3   . IDS A 1 . ? -7.091 -10.686 -14.559 1.00 0.00 ? 2  IDS A O3   1 
HETATM 38  O O4   . IDS A 1 . ? -5.092 -11.415 -12.201 1.00 0.00 ? 2  IDS A O4   1 
HETATM 39  O O5   . IDS A 1 . ? -4.326 -13.628 -14.054 1.00 0.00 ? 2  IDS A O5   1 
HETATM 40  O O6A  . IDS A 1 . ? -5.660 -14.004 -10.813 1.00 0.00 ? 2  IDS A O6A  1 
HETATM 41  O O6B  . IDS A 1 . ? -4.006 -14.890 -11.693 1.00 0.00 ? 2  IDS A O6B  1 
HETATM 42  S S    . IDS A 1 . ? -6.588 -12.197 -18.118 1.00 0.00 ? 2  IDS A S    1 
HETATM 43  O O1S  . IDS A 1 . ? -5.897 -11.416 -19.107 1.00 0.00 ? 2  IDS A O1S  1 
HETATM 44  O O2S  . IDS A 1 . ? -6.485 -13.603 -18.361 1.00 0.00 ? 2  IDS A O2S  1 
HETATM 45  O O3S  . IDS A 1 . ? -7.935 -11.755 -17.905 1.00 0.00 ? 2  IDS A O3S  1 
HETATM 46  H H1   . IDS A 1 . ? -3.837 -13.044 -15.906 1.00 0.00 ? 2  IDS A H1   1 
HETATM 47  H H2   . IDS A 1 . ? -6.893 -13.120 -15.510 1.00 0.00 ? 2  IDS A H2   1 
HETATM 48  H H3   . IDS A 1 . ? -5.052 -10.834 -14.552 1.00 0.00 ? 2  IDS A H3   1 
HETATM 49  H H4   . IDS A 1 . ? -6.975 -12.236 -12.608 1.00 0.00 ? 2  IDS A H4   1 
HETATM 50  H H5   . IDS A 1 . ? -6.185 -14.308 -13.525 1.00 0.00 ? 2  IDS A H5   1 
HETATM 51  H HO3  . IDS A 1 . ? -6.991 -10.126 -15.309 1.00 0.00 ? 2  IDS A HO3  1 
HETATM 52  C C1   . SGN A 1 . ? -5.631 -10.272 -11.602 1.00 0.00 ? 3  SGN A C1   1 
HETATM 53  C C2   . SGN A 1 . ? -4.716 -9.060  -11.836 1.00 0.00 ? 3  SGN A C2   1 
HETATM 54  C C3   . SGN A 1 . ? -3.391 -9.251  -11.083 1.00 0.00 ? 3  SGN A C3   1 
HETATM 55  C C4   . SGN A 1 . ? -3.679 -9.538  -9.602  1.00 0.00 ? 3  SGN A C4   1 
HETATM 56  C C5   . SGN A 1 . ? -4.634 -10.742 -9.510  1.00 0.00 ? 3  SGN A C5   1 
HETATM 57  C C6   . SGN A 1 . ? -5.066 -11.117 -8.085  1.00 0.00 ? 3  SGN A C6   1 
HETATM 58  N N2   . SGN A 1 . ? -4.493 -8.883  -13.271 1.00 0.00 ? 3  SGN A N2   1 
HETATM 59  O O3   . SGN A 1 . ? -2.633 -8.064  -11.166 1.00 0.00 ? 3  SGN A O3   1 
HETATM 60  O O4   . SGN A 1 . ? -2.438 -9.855  -8.989  1.00 0.00 ? 3  SGN A O4   1 
HETATM 61  O O5   . SGN A 1 . ? -5.826 -10.471 -10.233 1.00 0.00 ? 3  SGN A O5   1 
HETATM 62  O O6   . SGN A 1 . ? -5.636 -9.982  -7.472  1.00 0.00 ? 3  SGN A O6   1 
HETATM 63  S S1   . SGN A 1 . ? -5.400 -7.790  -14.081 1.00 0.00 ? 3  SGN A S1   1 
HETATM 64  O O1S  . SGN A 1 . ? -6.777 -8.035  -13.770 1.00 0.00 ? 3  SGN A O1S  1 
HETATM 65  O O2S  . SGN A 1 . ? -4.943 -6.499  -13.655 1.00 0.00 ? 3  SGN A O2S  1 
HETATM 66  O O3S  . SGN A 1 . ? -5.117 -8.041  -15.466 1.00 0.00 ? 3  SGN A O3S  1 
HETATM 67  S S2   . SGN A 1 . ? -6.154 -9.860  -6.003  1.00 0.00 ? 3  SGN A S2   1 
HETATM 68  O O4S  . SGN A 1 . ? -5.074 -10.222 -5.136  1.00 0.00 ? 3  SGN A O4S  1 
HETATM 69  O O5S  . SGN A 1 . ? -6.514 -8.474  -5.874  1.00 0.00 ? 3  SGN A O5S  1 
HETATM 70  O O6S  . SGN A 1 . ? -7.284 -10.734 -5.901  1.00 0.00 ? 3  SGN A O6S  1 
HETATM 71  H H1   . SGN A 1 . ? -6.635 -10.043 -12.029 1.00 0.00 ? 3  SGN A H1   1 
HETATM 72  H H2   . SGN A 1 . ? -5.207 -8.155  -11.398 1.00 0.00 ? 3  SGN A H2   1 
HETATM 73  H H3   . SGN A 1 . ? -2.782 -10.073 -11.533 1.00 0.00 ? 3  SGN A H3   1 
HETATM 74  H H4   . SGN A 1 . ? -4.130 -8.626  -9.139  1.00 0.00 ? 3  SGN A H4   1 
HETATM 75  H H5   . SGN A 1 . ? -4.150 -11.641 -9.958  1.00 0.00 ? 3  SGN A H5   1 
HETATM 76  H H61  . SGN A 1 . ? -5.836 -11.923 -8.102  1.00 0.00 ? 3  SGN A H61  1 
HETATM 77  H H62  . SGN A 1 . ? -4.198 -11.468 -7.478  1.00 0.00 ? 3  SGN A H62  1 
HETATM 78  H HN21 . SGN A 1 . ? -3.512 -8.734  -13.481 1.00 0.00 ? 3  SGN A HN21 1 
HETATM 79  H HO3  . SGN A 1 . ? -2.258 -7.989  -12.026 1.00 0.00 ? 3  SGN A HO3  1 
HETATM 80  C C1   . IDS A 1 . ? -2.164 -9.250  -7.760  1.00 0.00 ? 4  IDS A C1   1 
HETATM 81  C C2   . IDS A 1 . ? -0.780 -9.738  -7.294  1.00 0.00 ? 4  IDS A C2   1 
HETATM 82  C C3   . IDS A 1 . ? -0.141 -8.715  -6.351  1.00 0.00 ? 4  IDS A C3   1 
HETATM 83  C C4   . IDS A 1 . ? -0.029 -7.342  -7.033  1.00 0.00 ? 4  IDS A C4   1 
HETATM 84  C C5   . IDS A 1 . ? -1.040 -7.233  -8.193  1.00 0.00 ? 4  IDS A C5   1 
HETATM 85  C C6   . IDS A 1 . ? -1.293 -5.804  -8.661  1.00 0.00 ? 4  IDS A C6   1 
HETATM 86  O O2   . IDS A 1 . ? -0.947 -10.951 -6.588  1.00 0.00 ? 4  IDS A O2   1 
HETATM 87  O O3   . IDS A 1 . ? 1.148  -9.151  -5.982  1.00 0.00 ? 4  IDS A O3   1 
HETATM 88  O O4   . IDS A 1 . ? -0.346 -6.349  -6.067  1.00 0.00 ? 4  IDS A O4   1 
HETATM 89  O O5   . IDS A 1 . ? -2.247 -7.854  -7.810  1.00 0.00 ? 4  IDS A O5   1 
HETATM 90  O O6A  . IDS A 1 . ? -0.382 -5.013  -8.744  1.00 0.00 ? 4  IDS A O6A  1 
HETATM 91  O O6B  . IDS A 1 . ? -2.399 -5.427  -8.973  1.00 0.00 ? 4  IDS A O6B  1 
HETATM 92  S S    . IDS A 1 . ? -0.687 -12.407 -7.091  1.00 0.00 ? 4  IDS A S    1 
HETATM 93  O O1S  . IDS A 1 . ? -1.285 -13.238 -6.085  1.00 0.00 ? 4  IDS A O1S  1 
HETATM 94  O O2S  . IDS A 1 . ? -1.321 -12.549 -8.366  1.00 0.00 ? 4  IDS A O2S  1 
HETATM 95  O O3S  . IDS A 1 . ? 0.740  -12.545 -7.148  1.00 0.00 ? 4  IDS A O3S  1 
HETATM 96  H H1   . IDS A 1 . ? -2.939 -9.562  -7.023  1.00 0.00 ? 4  IDS A H1   1 
HETATM 97  H H2   . IDS A 1 . ? -0.095 -9.908  -8.160  1.00 0.00 ? 4  IDS A H2   1 
HETATM 98  H H3   . IDS A 1 . ? -0.752 -8.647  -5.420  1.00 0.00 ? 4  IDS A H3   1 
HETATM 99  H H4   . IDS A 1 . ? 0.983  -7.156  -7.471  1.00 0.00 ? 4  IDS A H4   1 
HETATM 100 H H5   . IDS A 1 . ? -0.664 -7.754  -9.107  1.00 0.00 ? 4  IDS A H5   1 
HETATM 101 H HO3  . IDS A 1 . ? 1.068  -9.881  -5.394  1.00 0.00 ? 4  IDS A HO3  1 
HETATM 102 C C1   . SGN A 1 . ? 0.679  -5.954  -5.203  1.00 0.00 ? 5  SGN A C1   1 
HETATM 103 C C2   . SGN A 1 . ? 0.208  -6.019  -3.742  1.00 0.00 ? 5  SGN A C2   1 
HETATM 104 C C3   . SGN A 1 . ? -0.880 -4.963  -3.495  1.00 0.00 ? 5  SGN A C3   1 
HETATM 105 C C4   . SGN A 1 . ? -0.358 -3.582  -3.919  1.00 0.00 ? 5  SGN A C4   1 
HETATM 106 C C5   . SGN A 1 . ? 0.118  -3.663  -5.380  1.00 0.00 ? 5  SGN A C5   1 
HETATM 107 C C6   . SGN A 1 . ? 0.724  -2.367  -5.935  1.00 0.00 ? 5  SGN A C6   1 
HETATM 108 N N2   . SGN A 1 . ? -0.280 -7.366  -3.445  1.00 0.00 ? 5  SGN A N2   1 
HETATM 109 O O3   . SGN A 1 . ? -1.179 -4.919  -2.117  1.00 0.00 ? 5  SGN A O3   1 
HETATM 110 O O4   . SGN A 1 . ? -1.446 -2.676  -3.812  1.00 0.00 ? 5  SGN A O4   1 
HETATM 111 O O5   . SGN A 1 . ? 1.119  -4.663  -5.510  1.00 0.00 ? 5  SGN A O5   1 
HETATM 112 O O6   . SGN A 1 . ? 1.780  -1.963  -5.091  1.00 0.00 ? 5  SGN A O6   1 
HETATM 113 S S1   . SGN A 1 . ? 0.725  -8.421  -2.700  1.00 0.00 ? 5  SGN A S1   1 
HETATM 114 O O1S  . SGN A 1 . ? 1.963  -8.438  -3.416  1.00 0.00 ? 5  SGN A O1S  1 
HETATM 115 O O2S  . SGN A 1 . ? 0.853  -7.962  -1.350  1.00 0.00 ? 5  SGN A O2S  1 
HETATM 116 O O3S  . SGN A 1 . ? 0.047  -9.686  -2.785  1.00 0.00 ? 5  SGN A O3S  1 
HETATM 117 S S2   . SGN A 1 . ? 2.646  -0.668  -5.209  1.00 0.00 ? 5  SGN A S2   1 
HETATM 118 O O4S  . SGN A 1 . ? 1.750  0.448   -5.211  1.00 0.00 ? 5  SGN A O4S  1 
HETATM 119 O O5S  . SGN A 1 . ? 3.479  -0.697  -4.039  1.00 0.00 ? 5  SGN A O5S  1 
HETATM 120 O O6S  . SGN A 1 . ? 3.397  -0.797  -6.422  1.00 0.00 ? 5  SGN A O6S  1 
HETATM 121 H H1   . SGN A 1 . ? 1.566  -6.619  -5.317  1.00 0.00 ? 5  SGN A H1   1 
HETATM 122 H H2   . SGN A 1 . ? 1.069  -5.756  -3.080  1.00 0.00 ? 5  SGN A H2   1 
HETATM 123 H H3   . SGN A 1 . ? -1.822 -5.213  -4.039  1.00 0.00 ? 5  SGN A H3   1 
HETATM 124 H H4   . SGN A 1 . ? 0.474  -3.285  -3.237  1.00 0.00 ? 5  SGN A H4   1 
HETATM 125 H H5   . SGN A 1 . ? -0.738 -3.939  -6.042  1.00 0.00 ? 5  SGN A H5   1 
HETATM 126 H H61  . SGN A 1 . ? 1.144  -2.529  -6.956  1.00 0.00 ? 5  SGN A H61  1 
HETATM 127 H H62  . SGN A 1 . ? -0.036 -1.552  -5.989  1.00 0.00 ? 5  SGN A H62  1 
HETATM 128 H HN21 . SGN A 1 . ? -1.170 -7.343  -2.960  1.00 0.00 ? 5  SGN A HN21 1 
HETATM 129 H HO3  . SGN A 1 . ? -1.702 -5.667  -1.884  1.00 0.00 ? 5  SGN A HO3  1 
HETATM 130 C C1   . IDS A 1 . ? -1.191 -1.447  -3.196  1.00 0.00 ? 6  IDS A C1   1 
HETATM 131 C C2   . IDS A 1 . ? -2.503 -0.642  -3.193  1.00 0.00 ? 6  IDS A C2   1 
HETATM 132 C C3   . IDS A 1 . ? -2.505 0.375   -2.048  1.00 0.00 ? 6  IDS A C3   1 
HETATM 133 C C4   . IDS A 1 . ? -2.301 -0.329  -0.696  1.00 0.00 ? 6  IDS A C4   1 
HETATM 134 C C5   . IDS A 1 . ? -1.626 -1.699  -0.900  1.00 0.00 ? 6  IDS A C5   1 
HETATM 135 C C6   . IDS A 1 . ? -1.018 -2.286  0.369   1.00 0.00 ? 6  IDS A C6   1 
HETATM 136 O O2   . IDS A 1 . ? -2.597 0.063   -4.415  1.00 0.00 ? 6  IDS A O2   1 
HETATM 137 O O3   . IDS A 1 . ? -3.736 1.063   -2.027  1.00 0.00 ? 6  IDS A O3   1 
HETATM 138 O O4   . IDS A 1 . ? -1.440 0.483   0.090   1.00 0.00 ? 6  IDS A O4   1 
HETATM 139 O O5   . IDS A 1 . ? -0.649 -1.585  -1.913  1.00 0.00 ? 6  IDS A O5   1 
HETATM 140 O O6A  . IDS A 1 . ? -1.594 -2.188  1.429   1.00 0.00 ? 6  IDS A O6A  1 
HETATM 141 O O6B  . IDS A 1 . ? 0.040  -2.871  0.354   1.00 0.00 ? 6  IDS A O6B  1 
HETATM 142 S S    . IDS A 1 . ? -3.454 -0.290  -5.672  1.00 0.00 ? 6  IDS A S    1 
HETATM 143 O O1S  . IDS A 1 . ? -2.953 0.585   -6.695  1.00 0.00 ? 6  IDS A O1S  1 
HETATM 144 O O2S  . IDS A 1 . ? -3.234 -1.671  -5.979  1.00 0.00 ? 6  IDS A O2S  1 
HETATM 145 O O3S  . IDS A 1 . ? -4.810 0.002   -5.310  1.00 0.00 ? 6  IDS A O3S  1 
HETATM 146 H H1   . IDS A 1 . ? -0.416 -0.903  -3.782  1.00 0.00 ? 6  IDS A H1   1 
HETATM 147 H H2   . IDS A 1 . ? -3.393 -1.310  -3.084  1.00 0.00 ? 6  IDS A H2   1 
HETATM 148 H H3   . IDS A 1 . ? -1.703 1.129   -2.230  1.00 0.00 ? 6  IDS A H3   1 
HETATM 149 H H4   . IDS A 1 . ? -3.261 -0.520  -0.159  1.00 0.00 ? 6  IDS A H4   1 
HETATM 150 H H5   . IDS A 1 . ? -2.365 -2.471  -1.226  1.00 0.00 ? 6  IDS A H5   1 
HETATM 151 H HO3  . IDS A 1 . ? -3.772 1.651   -2.761  1.00 0.00 ? 6  IDS A HO3  1 
HETATM 152 C C1   . SGN A 1 . ? -2.027 1.548   0.781   1.00 0.00 ? 7  SGN A C1   1 
HETATM 153 C C2   . SGN A 1 . ? -1.269 2.855   0.502   1.00 0.00 ? 7  SGN A C2   1 
HETATM 154 C C3   . SGN A 1 . ? 0.139  2.784   1.110   1.00 0.00 ? 7  SGN A C3   1 
HETATM 155 C C4   . SGN A 1 . ? 0.037  2.431   2.601   1.00 0.00 ? 7  SGN A C4   1 
HETATM 156 C C5   . SGN A 1 . ? -0.777 1.131   2.744   1.00 0.00 ? 7  SGN A C5   1 
HETATM 157 C C6   . SGN A 1 . ? -1.016 0.675   4.190   1.00 0.00 ? 7  SGN A C6   1 
HETATM 158 N N2   . SGN A 1 . ? -1.216 3.091   -0.941  1.00 0.00 ? 7  SGN A N2   1 
HETATM 159 O O3   . SGN A 1 . ? 0.759  4.046   0.995   1.00 0.00 ? 7  SGN A O3   1 
HETATM 160 O O4   . SGN A 1 . ? 1.361  2.229   3.073   1.00 0.00 ? 7  SGN A O4   1 
HETATM 161 O O5   . SGN A 1 . ? -2.058 1.293   2.154   1.00 0.00 ? 7  SGN A O5   1 
HETATM 162 O O6   . SGN A 1 . ? -1.634 1.727   4.899   1.00 0.00 ? 7  SGN A O6   1 
HETATM 163 S S1   . SGN A 1 . ? -2.309 4.105   -1.616  1.00 0.00 ? 7  SGN A S1   1 
HETATM 164 O O1S  . SGN A 1 . ? -3.612 3.708   -1.177  1.00 0.00 ? 7  SGN A O1S  1 
HETATM 165 O O2S  . SGN A 1 . ? -1.943 5.423   -1.190  1.00 0.00 ? 7  SGN A O2S  1 
HETATM 166 O O3S  . SGN A 1 . ? -2.147 3.922   -3.031  1.00 0.00 ? 7  SGN A O3S  1 
HETATM 167 S S2   . SGN A 1 . ? -2.005 1.756   6.417   1.00 0.00 ? 7  SGN A S2   1 
HETATM 168 O O4S  . SGN A 1 . ? -0.811 1.486   7.155   1.00 0.00 ? 7  SGN A O4S  1 
HETATM 169 O O5S  . SGN A 1 . ? -2.489 3.092   6.631   1.00 0.00 ? 7  SGN A O5S  1 
HETATM 170 O O6S  . SGN A 1 . ? -3.025 0.766   6.600   1.00 0.00 ? 7  SGN A O6S  1 
HETATM 171 H H1   . SGN A 1 . ? -3.088 1.682   0.467   1.00 0.00 ? 7  SGN A H1   1 
HETATM 172 H H2   . SGN A 1 . ? -1.801 3.690   1.019   1.00 0.00 ? 7  SGN A H2   1 
HETATM 173 H H3   . SGN A 1 . ? 0.779  2.042   0.572   1.00 0.00 ? 7  SGN A H3   1 
HETATM 174 H H4   . SGN A 1 . ? -0.453 3.276   3.140   1.00 0.00 ? 7  SGN A H4   1 
HETATM 175 H H5   . SGN A 1 . ? -0.253 0.298   2.215   1.00 0.00 ? 7  SGN A H5   1 
HETATM 176 H H61  . SGN A 1 . ? -1.700 -0.206  4.220   1.00 0.00 ? 7  SGN A H61  1 
HETATM 177 H H62  . SGN A 1 . ? -0.060 0.402   4.693   1.00 0.00 ? 7  SGN A H62  1 
HETATM 178 H HN21 . SGN A 1 . ? -0.283 3.348   -1.244  1.00 0.00 ? 7  SGN A HN21 1 
HETATM 179 H HO3  . SGN A 1 . ? 1.033  4.183   0.105   1.00 0.00 ? 7  SGN A HO3  1 
HETATM 180 C C1   . IDS A 1 . ? 1.697  2.826   4.291   1.00 0.00 ? 8  IDS A C1   1 
HETATM 181 C C2   . IDS A 1 . ? 3.164  2.474   4.597   1.00 0.00 ? 8  IDS A C2   1 
HETATM 182 C C3   . IDS A 1 . ? 3.790  3.535   5.508   1.00 0.00 ? 8  IDS A C3   1 
HETATM 183 C C4   . IDS A 1 . ? 3.691  4.930   4.869   1.00 0.00 ? 8  IDS A C4   1 
HETATM 184 C C5   . IDS A 1 . ? 2.560  4.962   3.822   1.00 0.00 ? 8  IDS A C5   1 
HETATM 185 C C6   . IDS A 1 . ? 2.114  6.367   3.435   1.00 0.00 ? 8  IDS A C6   1 
HETATM 186 O O2   . IDS A 1 . ? 3.196  1.232   5.270   1.00 0.00 ? 8  IDS A O2   1 
HETATM 187 O O3   . IDS A 1 . ? 5.148  3.227   5.729   1.00 0.00 ? 8  IDS A O3   1 
HETATM 188 O O4   . IDS A 1 . ? 3.375  5.858   5.898   1.00 0.00 ? 8  IDS A O4   1 
HETATM 189 O O5   . IDS A 1 . ? 1.467  4.207   4.302   1.00 0.00 ? 8  IDS A O5   1 
HETATM 190 O O6A  . IDS A 1 . ? 2.926  7.252   3.291   1.00 0.00 ? 8  IDS A O6A  1 
HETATM 191 O O6B  . IDS A 1 . ? 0.950  6.634   3.249   1.00 0.00 ? 8  IDS A O6B  1 
HETATM 192 S S    . IDS A 1 . ? 3.552  -0.174  4.691   1.00 0.00 ? 8  IDS A S    1 
HETATM 193 O O1S  . IDS A 1 . ? 3.149  -1.090  5.719   1.00 0.00 ? 8  IDS A O1S  1 
HETATM 194 O O2S  . IDS A 1 . ? 2.806  -0.349  3.481   1.00 0.00 ? 8  IDS A O2S  1 
HETATM 195 O O3S  . IDS A 1 . ? 4.970  -0.160  4.485   1.00 0.00 ? 8  IDS A O3S  1 
HETATM 196 H H1   . IDS A 1 . ? 1.038  2.416   5.089   1.00 0.00 ? 8  IDS A H1   1 
HETATM 197 H H2   . IDS A 1 . ? 3.770  2.402   3.661   1.00 0.00 ? 8  IDS A H2   1 
HETATM 198 H H3   . IDS A 1 . ? 3.277  3.512   6.498   1.00 0.00 ? 8  IDS A H3   1 
HETATM 199 H H4   . IDS A 1 . ? 4.628  5.232   4.340   1.00 0.00 ? 8  IDS A H4   1 
HETATM 200 H H5   . IDS A 1 . ? 2.889  4.507   2.856   1.00 0.00 ? 8  IDS A H5   1 
HETATM 201 H HO3  . IDS A 1 . ? 5.205  2.477   6.295   1.00 0.00 ? 8  IDS A HO3  1 
HETATM 202 C C1   . SGN A 1 . ? 4.439  6.335   6.669   1.00 0.00 ? 9  SGN A C1   1 
HETATM 203 C C2   . SGN A 1 . ? 4.130  6.181   8.167   1.00 0.00 ? 9  SGN A C2   1 
HETATM 204 C C3   . SGN A 1 . ? 2.974  7.110   8.561   1.00 0.00 ? 9  SGN A C3   1 
HETATM 205 C C4   . SGN A 1 . ? 3.305  8.550   8.139   1.00 0.00 ? 9  SGN A C4   1 
HETATM 206 C C5   . SGN A 1 . ? 3.633  8.557   6.636   1.00 0.00 ? 9  SGN A C5   1 
HETATM 207 C C6   . SGN A 1 . ? 4.044  9.925   6.071   1.00 0.00 ? 9  SGN A C6   1 
HETATM 208 N N2   . SGN A 1 . ? 3.816  4.783   8.461   1.00 0.00 ? 9  SGN A N2   1 
HETATM 209 O O3   . SGN A 1 . ? 2.815  7.085   9.964   1.00 0.00 ? 9  SGN A O3   1 
HETATM 210 O O4   . SGN A 1 . ? 2.147  9.334   8.388   1.00 0.00 ? 9  SGN A O4   1 
HETATM 211 O O5   . SGN A 1 . ? 4.711  7.672   6.370   1.00 0.00 ? 9  SGN A O5   1 
HETATM 212 O O6   . SGN A 1 . ? 5.135  10.414  6.821   1.00 0.00 ? 9  SGN A O6   1 
HETATM 213 S S1   . SGN A 1 . ? 4.993  3.819   9.061   1.00 0.00 ? 9  SGN A S1   1 
HETATM 214 O O1S  . SGN A 1 . ? 6.148  3.952   8.225   1.00 0.00 ? 9  SGN A O1S  1 
HETATM 215 O O2S  . SGN A 1 . ? 5.215  4.253   10.410  1.00 0.00 ? 9  SGN A O2S  1 
HETATM 216 O O3S  . SGN A 1 . ? 4.443  2.494   8.997   1.00 0.00 ? 9  SGN A O3S  1 
HETATM 217 S S2   . SGN A 1 . ? 5.848  11.795  6.664   1.00 0.00 ? 9  SGN A S2   1 
HETATM 218 O O4S  . SGN A 1 . ? 4.847  12.810  6.793   1.00 0.00 ? 9  SGN A O4S  1 
HETATM 219 O O5S  . SGN A 1 . ? 6.795  11.823  7.744   1.00 0.00 ? 9  SGN A O5S  1 
HETATM 220 O O6S  . SGN A 1 . ? 6.478  11.779  5.377   1.00 0.00 ? 9  SGN A O6S  1 
HETATM 221 H H1   . SGN A 1 . ? 5.373  5.771   6.443   1.00 0.00 ? 9  SGN A H1   1 
HETATM 222 H H2   . SGN A 1 . ? 5.026  6.516   8.749   1.00 0.00 ? 9  SGN A H2   1 
HETATM 223 H H3   . SGN A 1 . ? 2.010  6.777   8.106   1.00 0.00 ? 9  SGN A H3   1 
HETATM 224 H H4   . SGN A 1 . ? 4.169  8.913   8.746   1.00 0.00 ? 9  SGN A H4   1 
HETATM 225 H H5   . SGN A 1 . ? 2.745  8.211   6.054   1.00 0.00 ? 9  SGN A H5   1 
HETATM 226 H H61  . SGN A 1 . ? 4.369  9.836   5.008   1.00 0.00 ? 9  SGN A H61  1 
HETATM 227 H H62  . SGN A 1 . ? 3.202  10.655  6.125   1.00 0.00 ? 9  SGN A H62  1 
HETATM 228 H HN21 . SGN A 1 . ? 2.984  4.699   9.033   1.00 0.00 ? 9  SGN A HN21 1 
HETATM 229 H HO3  . SGN A 1 . ? 2.398  6.280   10.219  1.00 0.00 ? 9  SGN A HO3  1 
HETATM 230 C C1   . IDS A 1 . ? 2.338  10.566  9.019   1.00 0.00 ? 10 IDS A C1   1 
HETATM 231 C C2   . IDS A 1 . ? 0.959  11.228  9.180   1.00 0.00 ? 10 IDS A C2   1 
HETATM 232 C C3   . IDS A 1 . ? 0.971  12.211  10.355  1.00 0.00 ? 10 IDS A C3   1 
HETATM 233 C C4   . IDS A 1 . ? 1.386  11.499  11.655  1.00 0.00 ? 10 IDS A C4   1 
HETATM 234 C C5   . IDS A 1 . ? 2.171  10.211  11.336  1.00 0.00 ? 10 IDS A C5   1 
HETATM 235 C C6   . IDS A 1 . ? 2.963  9.663   12.517  1.00 0.00 ? 10 IDS A C6   1 
HETATM 236 O O2   . IDS A 1 . ? 0.669  11.950  8.000   1.00 0.00 ? 10 IDS A O2   1 
HETATM 237 O O3   . IDS A 1 . ? -0.314 12.765  10.526  1.00 0.00 ? 10 IDS A O3   1 
HETATM 238 O O4   . IDS A 1 . ? 2.235  12.377  12.379  1.00 0.00 ? 10 IDS A O4   1 
HETATM 239 O O5   . IDS A 1 . ? 3.022  10.453  10.234  1.00 0.00 ? 10 IDS A O5   1 
HETATM 240 O O6A  . IDS A 1 . ? 2.493  9.673   13.631  1.00 0.00 ? 10 IDS A O6A  1 
HETATM 241 O O6B  . IDS A 1 . ? 4.068  9.191   12.375  1.00 0.00 ? 10 IDS A O6B  1 
HETATM 242 S S    . IDS A 1 . ? -0.274 11.541  6.824   1.00 0.00 ? 10 IDS A S    1 
HETATM 243 O O1S  . IDS A 1 . ? 0.027  12.489  5.787   1.00 0.00 ? 10 IDS A O1S  1 
HETATM 244 O O2S  . IDS A 1 . ? 0.052  10.199  6.449   1.00 0.00 ? 10 IDS A O2S  1 
HETATM 245 O O3S  . IDS A 1 . ? -1.608 11.680  7.331   1.00 0.00 ? 10 IDS A O3S  1 
HETATM 246 H H1   . IDS A 1 . ? 2.989  11.203  8.378   1.00 0.00 ? 10 IDS A H1   1 
HETATM 247 H H2   . IDS A 1 . ? 0.159  10.469  9.354   1.00 0.00 ? 10 IDS A H2   1 
HETATM 248 H H3   . IDS A 1 . ? 1.670  13.050  10.122  1.00 0.00 ? 10 IDS A H3   1 
HETATM 249 H H4   . IDS A 1 . ? 0.510  11.195  12.279  1.00 0.00 ? 10 IDS A H4   1 
HETATM 250 H H5   . IDS A 1 . ? 1.484  9.376   11.058  1.00 0.00 ? 10 IDS A H5   1 
HETATM 251 H HO3  . IDS A 1 . ? -0.485 13.364  9.819   1.00 0.00 ? 10 IDS A HO3  1 
HETATM 252 C C1   . SGN A 1 . ? 1.619  13.355  13.164  1.00 0.00 ? 11 SGN A C1   1 
HETATM 253 C C2   . SGN A 1 . ? 2.205  14.742  12.858  1.00 0.00 ? 11 SGN A C2   1 
HETATM 254 C C3   . SGN A 1 . ? 3.669  14.803  13.318  1.00 0.00 ? 11 SGN A C3   1 
HETATM 255 C C4   . SGN A 1 . ? 3.759  14.403  14.800  1.00 0.00 ? 11 SGN A C4   1 
HETATM 256 C C5   . SGN A 1 . ? 3.101  13.022  14.975  1.00 0.00 ? 11 SGN A C5   1 
HETATM 257 C C6   . SGN A 1 . ? 3.061  12.506  16.421  1.00 0.00 ? 11 SGN A C6   1 
HETATM 258 N N2   . SGN A 1 . ? 2.084  15.020  11.426  1.00 0.00 ? 11 SGN A N2   1 
HETATM 259 O O3   . SGN A 1 . ? 4.143  16.126  13.189  1.00 0.00 ? 11 SGN A O3   1 
HETATM 260 O O4   . SGN A 1 . ? 5.139  14.329  15.128  1.00 0.00 ? 11 SGN A O4   1 
HETATM 261 O O5   . SGN A 1 . ? 1.755  13.064  14.524  1.00 0.00 ? 11 SGN A O5   1 
HETATM 262 O O6   . SGN A 1 . ? 2.416  13.469  17.226  1.00 0.00 ? 11 SGN A O6   1 
HETATM 263 S S1   . SGN A 1 . ? 0.830  15.930  10.904  1.00 0.00 ? 11 SGN A S1   1 
HETATM 264 O O1S  . SGN A 1 . ? -0.374 15.387  11.456  1.00 0.00 ? 11 SGN A O1S  1 
HETATM 265 O O2S  . SGN A 1 . ? 1.102  17.269  11.338  1.00 0.00 ? 11 SGN A O2S  1 
HETATM 266 O O3S  . SGN A 1 . ? 0.861  15.801  9.473   1.00 0.00 ? 11 SGN A O3S  1 
HETATM 267 S S2   . SGN A 1 . ? 2.203  13.420  18.772  1.00 0.00 ? 11 SGN A S2   1 
HETATM 268 O O4S  . SGN A 1 . ? 3.489  13.257  19.377  1.00 0.00 ? 11 SGN A O4S  1 
HETATM 269 O O5S  . SGN A 1 . ? 1.610  14.691  19.083  1.00 0.00 ? 11 SGN A O5S  1 
HETATM 270 O O6S  . SGN A 1 . ? 1.314  12.323  19.021  1.00 0.00 ? 11 SGN A O6S  1 
HETATM 271 H H1   . SGN A 1 . ? 0.522  13.386  12.962  1.00 0.00 ? 11 SGN A H1   1 
HETATM 272 H H2   . SGN A 1 . ? 1.648  15.504  13.457  1.00 0.00 ? 11 SGN A H2   1 
HETATM 273 H H3   . SGN A 1 . ? 4.322  14.148  12.692  1.00 0.00 ? 11 SGN A H3   1 
HETATM 274 H H4   . SGN A 1 . ? 3.244  15.178  15.414  1.00 0.00 ? 11 SGN A H4   1 
HETATM 275 H H5   . SGN A 1 . ? 3.650  12.263  14.367  1.00 0.00 ? 11 SGN A H5   1 
HETATM 276 H H61  . SGN A 1 . ? 2.477  11.557  16.487  1.00 0.00 ? 11 SGN A H61  1 
HETATM 277 H H62  . SGN A 1 . ? 4.087  12.321  16.815  1.00 0.00 ? 11 SGN A H62  1 
HETATM 278 H HN21 . SGN A 1 . ? 2.951  15.381  11.042  1.00 0.00 ? 11 SGN A HN21 1 
HETATM 279 H HO3  . SGN A 1 . ? 4.307  16.314  12.281  1.00 0.00 ? 11 SGN A HO3  1 
HETATM 280 C C1   . IDS A 1 . ? 5.538  14.929  16.325  1.00 0.00 ? 12 IDS A C1   1 
HETATM 281 C C2   . IDS A 1 . ? 7.057  14.729  16.467  1.00 0.00 ? 12 IDS A C2   1 
HETATM 282 C C3   . IDS A 1 . ? 7.661  15.825  17.347  1.00 0.00 ? 12 IDS A C3   1 
HETATM 283 C C4   . IDS A 1 . ? 7.352  17.217  16.771  1.00 0.00 ? 12 IDS A C4   1 
HETATM 284 C C5   . IDS A 1 . ? 6.121  17.155  15.847  1.00 0.00 ? 12 IDS A C5   1 
HETATM 285 C C6   . IDS A 1 . ? 5.495  18.516  15.556  1.00 0.00 ? 12 IDS A C6   1 
HETATM 286 O O2   . IDS A 1 . ? 7.286  13.481  17.091  1.00 0.00 ? 12 IDS A O2   1 
HETATM 287 O O3   . IDS A 1 . ? 9.061  15.661  17.419  1.00 0.00 ? 12 IDS A O3   1 
HETATM 288 O O4   . IDS A 1 . ? 7.053  18.082  17.859  1.00 0.00 ? 12 IDS A O4   1 
HETATM 289 O O5   . IDS A 1 . ? 5.167  16.276  16.408  1.00 0.00 ? 12 IDS A O5   1 
HETATM 290 O O6A  . IDS A 1 . ? 6.191  19.484  15.361  1.00 0.00 ? 12 IDS A O6A  1 
HETATM 291 O O6B  . IDS A 1 . ? 4.295  18.661  15.500  1.00 0.00 ? 12 IDS A O6B  1 
HETATM 292 S S    . IDS A 1 . ? 7.722  12.135  16.427  1.00 0.00 ? 12 IDS A S    1 
HETATM 293 O O1S  . IDS A 1 . ? 7.527  11.156  17.460  1.00 0.00 ? 12 IDS A O1S  1 
HETATM 294 O O2S  . IDS A 1 . ? 6.876  11.911  15.295  1.00 0.00 ? 12 IDS A O2S  1 
HETATM 295 O O3S  . IDS A 1 . ? 9.104  12.303  16.081  1.00 0.00 ? 12 IDS A O3S  1 
HETATM 296 H H1   . IDS A 1 . ? 5.011  14.432  17.171  1.00 0.00 ? 12 IDS A H1   1 
HETATM 297 H H2   . IDS A 1 . ? 7.565  14.743  15.473  1.00 0.00 ? 12 IDS A H2   1 
HETATM 298 H H3   . IDS A 1 . ? 7.259  15.725  18.383  1.00 0.00 ? 12 IDS A H3   1 
HETATM 299 H H4   . IDS A 1 . ? 8.192  17.631  16.161  1.00 0.00 ? 12 IDS A H4   1 
HETATM 300 H H5   . IDS A 1 . ? 6.392  16.762  14.836  1.00 0.00 ? 12 IDS A H5   1 
HETATM 301 H HO3  . IDS A 1 . ? 9.253  14.906  17.949  1.00 0.00 ? 12 IDS A HO3  1 
HETATM 302 C C1   . SGN A 1 . ? -2.994 -16.944 -17.336 1.00 0.00 ? 1  SGN A C1   2 
HETATM 303 C C2   . SGN A 1 . ? -2.799 -17.052 -15.816 1.00 0.00 ? 1  SGN A C2   2 
HETATM 304 C C3   . SGN A 1 . ? -3.778 -16.113 -15.095 1.00 0.00 ? 1  SGN A C3   2 
HETATM 305 C C4   . SGN A 1 . ? -3.618 -14.686 -15.643 1.00 0.00 ? 1  SGN A C4   2 
HETATM 306 C C5   . SGN A 1 . ? -3.794 -14.726 -17.173 1.00 0.00 ? 1  SGN A C5   2 
HETATM 307 C C6   . SGN A 1 . ? -3.604 -13.375 -17.879 1.00 0.00 ? 1  SGN A C6   2 
HETATM 308 N N2   . SGN A 1 . ? -2.985 -18.441 -15.395 1.00 0.00 ? 1  SGN A N2   2 
HETATM 309 O O1   . SGN A 1 . ? -4.248 -17.450 -17.708 1.00 0.00 ? 1  SGN A O1   2 
HETATM 310 O O3   . SGN A 1 . ? -3.475 -16.094 -13.716 1.00 0.00 ? 1  SGN A O3   2 
HETATM 311 O O4   . SGN A 1 . ? -4.643 -13.899 -15.057 1.00 0.00 ? 1  SGN A O4   2 
HETATM 312 O O5   . SGN A 1 . ? -2.849 -15.617 -17.747 1.00 0.00 ? 1  SGN A O5   2 
HETATM 313 O O6   . SGN A 1 . ? -2.336 -12.861 -17.537 1.00 0.00 ? 1  SGN A O6   2 
HETATM 314 S S1   . SGN A 1 . ? -1.666 -19.383 -15.180 1.00 0.00 ? 1  SGN A S1   2 
HETATM 315 O O1S  . SGN A 1 . ? -0.847 -19.274 -16.347 1.00 0.00 ? 1  SGN A O1S  2 
HETATM 316 O O2S  . SGN A 1 . ? -1.025 -18.905 -13.989 1.00 0.00 ? 1  SGN A O2S  2 
HETATM 317 O O3S  . SGN A 1 . ? -2.191 -20.710 -15.022 1.00 0.00 ? 1  SGN A O3S  2 
HETATM 318 S S2   . SGN A 1 . ? -1.728 -11.485 -17.957 1.00 0.00 ? 1  SGN A S2   2 
HETATM 319 O O4S  . SGN A 1 . ? -2.645 -10.468 -17.540 1.00 0.00 ? 1  SGN A O4S  2 
HETATM 320 O O5S  . SGN A 1 . ? -0.483 -11.421 -17.244 1.00 0.00 ? 1  SGN A O5S  2 
HETATM 321 O O6S  . SGN A 1 . ? -1.547 -11.540 -19.378 1.00 0.00 ? 1  SGN A O6S  2 
HETATM 322 H H1   . SGN A 1 . ? -2.177 -17.514 -17.835 1.00 0.00 ? 1  SGN A H1   2 
HETATM 323 H H2   . SGN A 1 . ? -1.769 -16.698 -15.564 1.00 0.00 ? 1  SGN A H2   2 
HETATM 324 H H3   . SGN A 1 . ? -4.833 -16.462 -15.205 1.00 0.00 ? 1  SGN A H3   2 
HETATM 325 H H4   . SGN A 1 . ? -2.610 -14.301 -15.361 1.00 0.00 ? 1  SGN A H4   2 
HETATM 326 H H5   . SGN A 1 . ? -4.818 -15.091 -17.425 1.00 0.00 ? 1  SGN A H5   2 
HETATM 327 H H61  . SGN A 1 . ? -3.638 -13.499 -18.986 1.00 0.00 ? 1  SGN A H61  2 
HETATM 328 H H62  . SGN A 1 . ? -4.392 -12.647 -17.577 1.00 0.00 ? 1  SGN A H62  2 
HETATM 329 H HN21 . SGN A 1 . ? -3.586 -18.507 -14.581 1.00 0.00 ? 1  SGN A HN21 2 
HETATM 330 H HO3  . SGN A 1 . ? -3.776 -16.890 -13.319 1.00 0.00 ? 1  SGN A HO3  2 
HETATM 331 C C1   . IDS A 1 . ? -4.264 -12.663 -14.519 1.00 0.00 ? 2  IDS A C1   2 
HETATM 332 C C2   . IDS A 1 . ? -5.503 -11.765 -14.416 1.00 0.00 ? 2  IDS A C2   2 
HETATM 333 C C3   . IDS A 1 . ? -6.437 -12.183 -13.274 1.00 0.00 ? 2  IDS A C3   2 
HETATM 334 C C4   . IDS A 1 . ? -5.648 -12.412 -11.979 1.00 0.00 ? 2  IDS A C4   2 
HETATM 335 C C5   . IDS A 1 . ? -4.445 -13.322 -12.263 1.00 0.00 ? 2  IDS A C5   2 
HETATM 336 C C6   . IDS A 1 . ? -3.605 -13.641 -11.033 1.00 0.00 ? 2  IDS A C6   2 
HETATM 337 O O2   . IDS A 1 . ? -5.059 -10.444 -14.167 1.00 0.00 ? 2  IDS A O2   2 
HETATM 338 O O3   . IDS A 1 . ? -7.072 -13.395 -13.620 1.00 0.00 ? 2  IDS A O3   2 
HETATM 339 O O4   . IDS A 1 . ? -5.161 -11.154 -11.533 1.00 0.00 ? 2  IDS A O4   2 
HETATM 340 O O5   . IDS A 1 . ? -3.628 -12.768 -13.279 1.00 0.00 ? 2  IDS A O5   2 
HETATM 341 O O6A  . IDS A 1 . ? -2.419 -13.863 -11.121 1.00 0.00 ? 2  IDS A O6A  2 
HETATM 342 O O6B  . IDS A 1 . ? -4.112 -13.700 -9.936  1.00 0.00 ? 2  IDS A O6B  2 
HETATM 343 S S    . IDS A 1 . ? -5.301 -9.166  -15.032 1.00 0.00 ? 2  IDS A S    2 
HETATM 344 O O1S  . IDS A 1 . ? -6.715 -8.945  -15.036 1.00 0.00 ? 2  IDS A O1S  2 
HETATM 345 O O2S  . IDS A 1 . ? -4.579 -8.125  -14.355 1.00 0.00 ? 2  IDS A O2S  2 
HETATM 346 O O3S  . IDS A 1 . ? -4.772 -9.445  -16.333 1.00 0.00 ? 2  IDS A O3S  2 
HETATM 347 H H1   . IDS A 1 . ? -3.530 -12.183 -15.204 1.00 0.00 ? 2  IDS A H1   2 
HETATM 348 H H2   . IDS A 1 . ? -6.059 -11.776 -15.386 1.00 0.00 ? 2  IDS A H2   2 
HETATM 349 H H3   . IDS A 1 . ? -7.251 -11.437 -13.118 1.00 0.00 ? 2  IDS A H3   2 
HETATM 350 H H4   . IDS A 1 . ? -6.303 -12.897 -11.217 1.00 0.00 ? 2  IDS A H4   2 
HETATM 351 H H5   . IDS A 1 . ? -4.810 -14.315 -12.610 1.00 0.00 ? 2  IDS A H5   2 
HETATM 352 H HO3  . IDS A 1 . ? -7.687 -13.232 -14.312 1.00 0.00 ? 2  IDS A HO3  2 
HETATM 353 C C1   . SGN A 1 . ? -6.003 -10.406 -10.703 1.00 0.00 ? 3  SGN A C1   2 
HETATM 354 C C2   . SGN A 1 . ? -5.605 -8.923  -10.729 1.00 0.00 ? 3  SGN A C2   2 
HETATM 355 C C3   . SGN A 1 . ? -4.226 -8.741  -10.080 1.00 0.00 ? 3  SGN A C3   2 
HETATM 356 C C4   . SGN A 1 . ? -4.235 -9.356  -8.673  1.00 0.00 ? 3  SGN A C4   2 
HETATM 357 C C5   . SGN A 1 . ? -4.690 -10.824 -8.783  1.00 0.00 ? 3  SGN A C5   2 
HETATM 358 C C6   . SGN A 1 . ? -4.805 -11.566 -7.443  1.00 0.00 ? 3  SGN A C6   2 
HETATM 359 N N2   . SGN A 1 . ? -5.612 -8.437  -12.110 1.00 0.00 ? 3  SGN A N2   2 
HETATM 360 O O3   . SGN A 1 . ? -3.948 -7.362  -9.957  1.00 0.00 ? 3  SGN A O3   2 
HETATM 361 O O4   . SGN A 1 . ? -2.904 -9.295  -8.183  1.00 0.00 ? 3  SGN A O4   2 
HETATM 362 O O5   . SGN A 1 . ? -5.970 -10.891 -9.393  1.00 0.00 ? 3  SGN A O5   2 
HETATM 363 O O6   . SGN A 1 . ? -5.672 -10.838 -6.600  1.00 0.00 ? 3  SGN A O6   2 
HETATM 364 S S1   . SGN A 1 . ? -6.928 -7.633  -12.655 1.00 0.00 ? 3  SGN A S1   2 
HETATM 365 O O1S  . SGN A 1 . ? -8.087 -8.413  -12.348 1.00 0.00 ? 3  SGN A O1S  2 
HETATM 366 O O2S  . SGN A 1 . ? -6.912 -6.356  -12.004 1.00 0.00 ? 3  SGN A O2S  2 
HETATM 367 O O3S  . SGN A 1 . ? -6.723 -7.525  -14.073 1.00 0.00 ? 3  SGN A O3S  2 
HETATM 368 S S2   . SGN A 1 . ? -6.040 -11.163 -5.116  1.00 0.00 ? 3  SGN A S2   2 
HETATM 369 O O4S  . SGN A 1 . ? -4.816 -11.247 -4.381  1.00 0.00 ? 3  SGN A O4S  2 
HETATM 370 O O5S  . SGN A 1 . ? -6.850 -10.049 -4.706  1.00 0.00 ? 3  SGN A O5S  2 
HETATM 371 O O6S  . SGN A 1 . ? -6.772 -12.394 -5.144  1.00 0.00 ? 3  SGN A O6S  2 
HETATM 372 H H1   . SGN A 1 . ? -7.063 -10.492 -11.039 1.00 0.00 ? 3  SGN A H1   2 
HETATM 373 H H2   . SGN A 1 . ? -6.333 -8.349  -10.106 1.00 0.00 ? 3  SGN A H2   2 
HETATM 374 H H3   . SGN A 1 . ? -3.418 -9.192  -10.704 1.00 0.00 ? 3  SGN A H3   2 
HETATM 375 H H4   . SGN A 1 . ? -4.925 -8.765  -8.025  1.00 0.00 ? 3  SGN A H4   2 
HETATM 376 H H5   . SGN A 1 . ? -3.969 -11.394 -9.417  1.00 0.00 ? 3  SGN A H5   2 
HETATM 377 H H61  . SGN A 1 . ? -5.239 -12.581 -7.589  1.00 0.00 ? 3  SGN A H61  2 
HETATM 378 H H62  . SGN A 1 . ? -3.811 -11.670 -6.950  1.00 0.00 ? 3  SGN A H62  2 
HETATM 379 H HN21 . SGN A 1 . ? -4.775 -7.906  -12.325 1.00 0.00 ? 3  SGN A HN21 2 
HETATM 380 H HO3  . SGN A 1 . ? -3.718 -7.010  -10.799 1.00 0.00 ? 3  SGN A HO3  2 
HETATM 381 C C1   . IDS A 1 . ? -2.728 -8.808  -6.883  1.00 0.00 ? 4  IDS A C1   2 
HETATM 382 C C2   . IDS A 1 . ? -1.370 -9.285  -6.352  1.00 0.00 ? 4  IDS A C2   2 
HETATM 383 C C3   . IDS A 1 . ? -0.197 -8.532  -6.989  1.00 0.00 ? 4  IDS A C3   2 
HETATM 384 C C4   . IDS A 1 . ? -0.442 -7.020  -6.975  1.00 0.00 ? 4  IDS A C4   2 
HETATM 385 C C5   . IDS A 1 . ? -1.844 -6.721  -7.529  1.00 0.00 ? 4  IDS A C5   2 
HETATM 386 C C6   . IDS A 1 . ? -2.182 -5.237  -7.590  1.00 0.00 ? 4  IDS A C6   2 
HETATM 387 O O2   . IDS A 1 . ? -1.346 -9.050  -4.957  1.00 0.00 ? 4  IDS A O2   2 
HETATM 388 O O3   . IDS A 1 . ? -0.063 -8.942  -8.334  1.00 0.00 ? 4  IDS A O3   2 
HETATM 389 O O4   . IDS A 1 . ? -0.393 -6.579  -5.626  1.00 0.00 ? 4  IDS A O4   2 
HETATM 390 O O5   . IDS A 1 . ? -2.831 -7.417  -6.791  1.00 0.00 ? 4  IDS A O5   2 
HETATM 391 O O6A  . IDS A 1 . ? -3.323 -4.849  -7.482  1.00 0.00 ? 4  IDS A O6A  2 
HETATM 392 O O6B  . IDS A 1 . ? -1.317 -4.412  -7.763  1.00 0.00 ? 4  IDS A O6B  2 
HETATM 393 S S    . IDS A 1 . ? -1.160 -10.088 -3.805  1.00 0.00 ? 4  IDS A S    2 
HETATM 394 O O1S  . IDS A 1 . ? 0.147  -10.648 -3.977  1.00 0.00 ? 4  IDS A O1S  2 
HETATM 395 O O2S  . IDS A 1 . ? -1.281 -9.322  -2.600  1.00 0.00 ? 4  IDS A O2S  2 
HETATM 396 O O3S  . IDS A 1 . ? -2.208 -11.054 -3.953  1.00 0.00 ? 4  IDS A O3S  2 
HETATM 397 H H1   . IDS A 1 . ? -3.530 -9.222  -6.232  1.00 0.00 ? 4  IDS A H1   2 
HETATM 398 H H2   . IDS A 1 . ? -1.259 -10.383 -6.531  1.00 0.00 ? 4  IDS A H2   2 
HETATM 399 H H3   . IDS A 1 . ? 0.769  -8.784  -6.487  1.00 0.00 ? 4  IDS A H3   2 
HETATM 400 H H4   . IDS A 1 . ? 0.320  -6.504  -7.607  1.00 0.00 ? 4  IDS A H4   2 
HETATM 401 H H5   . IDS A 1 . ? -1.898 -7.056  -8.591  1.00 0.00 ? 4  IDS A H5   2 
HETATM 402 H HO3  . IDS A 1 . ? 0.252  -9.829  -8.354  1.00 0.00 ? 4  IDS A HO3  2 
HETATM 403 C C1   . SGN A 1 . ? 0.860  -6.222  -5.120  1.00 0.00 ? 5  SGN A C1   2 
HETATM 404 C C2   . SGN A 1 . ? 0.858  -6.276  -3.585  1.00 0.00 ? 5  SGN A C2   2 
HETATM 405 C C3   . SGN A 1 . ? -0.066 -5.184  -3.025  1.00 0.00 ? 5  SGN A C3   2 
HETATM 406 C C4   . SGN A 1 . ? 0.345  -3.820  -3.597  1.00 0.00 ? 5  SGN A C4   2 
HETATM 407 C C5   . SGN A 1 . ? 0.347  -3.913  -5.134  1.00 0.00 ? 5  SGN A C5   2 
HETATM 408 C C6   . SGN A 1 . ? 0.796  -2.636  -5.860  1.00 0.00 ? 5  SGN A C6   2 
HETATM 409 N N2   . SGN A 1 . ? 0.441  -7.606  -3.142  1.00 0.00 ? 5  SGN A N2   2 
HETATM 410 O O3   . SGN A 1 . ? 0.073  -5.134  -1.621  1.00 0.00 ? 5  SGN A O3   2 
HETATM 411 O O4   . SGN A 1 . ? -0.628 -2.879  -3.170  1.00 0.00 ? 5  SGN A O4   2 
HETATM 412 O O5   . SGN A 1 . ? 1.227  -4.946  -5.556  1.00 0.00 ? 5  SGN A O5   2 
HETATM 413 O O6   . SGN A 1 . ? 2.073  -2.271  -5.382  1.00 0.00 ? 5  SGN A O6   2 
HETATM 414 S S1   . SGN A 1 . ? 1.589  -8.696  -2.734  1.00 0.00 ? 5  SGN A S1   2 
HETATM 415 O O1S  . SGN A 1 . ? 2.548  -8.752  -3.794  1.00 0.00 ? 5  SGN A O1S  2 
HETATM 416 O O2S  . SGN A 1 . ? 2.142  -8.246  -1.490  1.00 0.00 ? 5  SGN A O2S  2 
HETATM 417 O O3S  . SGN A 1 . ? 0.879  -9.938  -2.597  1.00 0.00 ? 5  SGN A O3S  2 
HETATM 418 S S2   . SGN A 1 . ? 2.903  -1.005  -5.770  1.00 0.00 ? 5  SGN A S2   2 
HETATM 419 O O4S  . SGN A 1 . ? 2.085  0.140   -5.505  1.00 0.00 ? 5  SGN A O4S  2 
HETATM 420 O O5S  . SGN A 1 . ? 4.052  -1.065  -4.910  1.00 0.00 ? 5  SGN A O5S  2 
HETATM 421 O O6S  . SGN A 1 . ? 3.241  -1.155  -7.155  1.00 0.00 ? 5  SGN A O6S  2 
HETATM 422 H H1   . SGN A 1 . ? 1.648  -6.915  -5.496  1.00 0.00 ? 5  SGN A H1   2 
HETATM 423 H H2   . SGN A 1 . ? 1.890  -6.045  -3.222  1.00 0.00 ? 5  SGN A H2   2 
HETATM 424 H H3   . SGN A 1 . ? -1.139 -5.401  -3.251  1.00 0.00 ? 5  SGN A H3   2 
HETATM 425 H H4   . SGN A 1 . ? 1.356  -3.553  -3.207  1.00 0.00 ? 5  SGN A H4   2 
HETATM 426 H H5   . SGN A 1 . ? -0.680 -4.158  -5.499  1.00 0.00 ? 5  SGN A H5   2 
HETATM 427 H H61  . SGN A 1 . ? 0.879  -2.810  -6.957  1.00 0.00 ? 5  SGN A H61  2 
HETATM 428 H H62  . SGN A 1 . ? 0.082  -1.798  -5.682  1.00 0.00 ? 5  SGN A H62  2 
HETATM 429 H HN21 . SGN A 1 . ? -0.256 -7.555  -2.408  1.00 0.00 ? 5  SGN A HN21 2 
HETATM 430 H HO3  . SGN A 1 . ? -0.377 -5.865  -1.235  1.00 0.00 ? 5  SGN A HO3  2 
HETATM 431 C C1   . IDS A 1 . ? -0.156 -1.676  -2.634  1.00 0.00 ? 6  IDS A C1   2 
HETATM 432 C C2   . IDS A 1 . ? -1.268 -0.623  -2.716  1.00 0.00 ? 6  IDS A C2   2 
HETATM 433 C C3   . IDS A 1 . ? -2.377 -0.861  -1.684  1.00 0.00 ? 6  IDS A C3   2 
HETATM 434 C C4   . IDS A 1 . ? -1.784 -1.122  -0.294  1.00 0.00 ? 6  IDS A C4   2 
HETATM 435 C C5   . IDS A 1 . ? -0.686 -2.192  -0.395  1.00 0.00 ? 6  IDS A C5   2 
HETATM 436 C C6   . IDS A 1 . ? -0.048 -2.553  0.941   1.00 0.00 ? 6  IDS A C6   2 
HETATM 437 O O2   . IDS A 1 . ? -0.685 0.639   -2.460  1.00 0.00 ? 6  IDS A O2   2 
HETATM 438 O O3   . IDS A 1 . ? -3.122 -1.999  -2.064  1.00 0.00 ? 6  IDS A O3   2 
HETATM 439 O O4   . IDS A 1 . ? -1.193 0.083   0.164   1.00 0.00 ? 6  IDS A O4   2 
HETATM 440 O O5   . IDS A 1 . ? 0.310  -1.799  -1.321  1.00 0.00 ? 6  IDS A O5   2 
HETATM 441 O O6A  . IDS A 1 . ? 1.100  -2.928  1.006   1.00 0.00 ? 6  IDS A O6A  2 
HETATM 442 O O6B  . IDS A 1 . ? -0.683 -2.489  1.967   1.00 0.00 ? 6  IDS A O6B  2 
HETATM 443 S S    . IDS A 1 . ? -0.651 1.894   -3.392  1.00 0.00 ? 6  IDS A S    2 
HETATM 444 O O1S  . IDS A 1 . ? -2.015 2.293   -3.577  1.00 0.00 ? 6  IDS A O1S  2 
HETATM 445 O O2S  . IDS A 1 . ? 0.116  2.866   -2.666  1.00 0.00 ? 6  IDS A O2S  2 
HETATM 446 O O3S  . IDS A 1 . ? -0.013 1.485   -4.607  1.00 0.00 ? 6  IDS A O3S  2 
HETATM 447 H H1   . IDS A 1 . ? 0.712  -1.328  -3.237  1.00 0.00 ? 6  IDS A H1   2 
HETATM 448 H H2   . IDS A 1 . ? -1.703 -0.614  -3.746  1.00 0.00 ? 6  IDS A H2   2 
HETATM 449 H H3   . IDS A 1 . ? -3.097 -0.009  -1.655  1.00 0.00 ? 6  IDS A H3   2 
HETATM 450 H H4   . IDS A 1 . ? -2.582 -1.482  0.398   1.00 0.00 ? 6  IDS A H4   2 
HETATM 451 H H5   . IDS A 1 . ? -1.135 -3.148  -0.750  1.00 0.00 ? 6  IDS A H5   2 
HETATM 452 H HO3  . IDS A 1 . ? -3.625 -1.793  -2.832  1.00 0.00 ? 6  IDS A HO3  2 
HETATM 453 C C1   . SGN A 1 . ? -2.018 0.972   0.857   1.00 0.00 ? 7  SGN A C1   2 
HETATM 454 C C2   . SGN A 1 . ? -1.461 2.403   0.751   1.00 0.00 ? 7  SGN A C2   2 
HETATM 455 C C3   . SGN A 1 . ? -0.220 2.553   1.642   1.00 0.00 ? 7  SGN A C3   2 
HETATM 456 C C4   . SGN A 1 . ? -0.565 2.136   3.081   1.00 0.00 ? 7  SGN A C4   2 
HETATM 457 C C5   . SGN A 1 . ? -1.116 0.699   3.034   1.00 0.00 ? 7  SGN A C5   2 
HETATM 458 C C6   . SGN A 1 . ? -1.542 0.103   4.380   1.00 0.00 ? 7  SGN A C6   2 
HETATM 459 N N2   . SGN A 1 . ? -1.161 2.692   -0.651  1.00 0.00 ? 7  SGN A N2   2 
HETATM 460 O O3   . SGN A 1 . ? 0.192  3.902   1.652   1.00 0.00 ? 7  SGN A O3   2 
HETATM 461 O O4   . SGN A 1 . ? 0.644  2.166   3.822   1.00 0.00 ? 7  SGN A O4   2 
HETATM 462 O O5   . SGN A 1 . ? -2.257 0.639   2.193   1.00 0.00 ? 7  SGN A O5   2 
HETATM 463 O O6   . SGN A 1 . ? -2.485 0.961   4.981   1.00 0.00 ? 7  SGN A O6   2 
HETATM 464 S S1   . SGN A 1 . ? -1.750 4.057   -1.330  1.00 0.00 ? 7  SGN A S1   2 
HETATM 465 O O1S  . SGN A 1 . ? -3.176 3.888   -1.368  1.00 0.00 ? 7  SGN A O1S  2 
HETATM 466 O O2S  . SGN A 1 . ? -1.339 5.170   -0.531  1.00 0.00 ? 7  SGN A O2S  2 
HETATM 467 O O3S  . SGN A 1 . ? -1.177 4.097   -2.647  1.00 0.00 ? 7  SGN A O3S  2 
HETATM 468 S S2   . SGN A 1 . ? -3.111 0.820   6.407   1.00 0.00 ? 7  SGN A S2   2 
HETATM 469 O O4S  . SGN A 1 . ? -2.033 0.674   7.339   1.00 0.00 ? 7  SGN A O4S  2 
HETATM 470 O O5S  . SGN A 1 . ? -3.834 2.045   6.595   1.00 0.00 ? 7  SGN A O5S  2 
HETATM 471 O O6S  . SGN A 1 . ? -3.970 -0.327  6.351   1.00 0.00 ? 7  SGN A O6S  2 
HETATM 472 H H1   . SGN A 1 . ? -3.012 0.965   0.356   1.00 0.00 ? 7  SGN A H1   2 
HETATM 473 H H2   . SGN A 1 . ? -2.249 3.092   1.144   1.00 0.00 ? 7  SGN A H2   2 
HETATM 474 H H3   . SGN A 1 . ? 0.635  1.946   1.258   1.00 0.00 ? 7  SGN A H3   2 
HETATM 475 H H4   . SGN A 1 . ? -1.311 2.851   3.503   1.00 0.00 ? 7  SGN A H4   2 
HETATM 476 H H5   . SGN A 1 . ? -0.336 0.024   2.612   1.00 0.00 ? 7  SGN A H5   2 
HETATM 477 H H61  . SGN A 1 . ? -2.027 -0.892  4.232   1.00 0.00 ? 7  SGN A H61  2 
HETATM 478 H H62  . SGN A 1 . ? -0.669 -0.026  5.060   1.00 0.00 ? 7  SGN A H62  2 
HETATM 479 H HN21 . SGN A 1 . ? -0.178 2.560   -0.866  1.00 0.00 ? 7  SGN A HN21 2 
HETATM 480 H HO3  . SGN A 1 . ? 0.627  4.092   0.840   1.00 0.00 ? 7  SGN A HO3  2 
HETATM 481 C C1   . IDS A 1 . ? 0.607  2.802   5.069   1.00 0.00 ? 8  IDS A C1   2 
HETATM 482 C C2   . IDS A 1 . ? 1.796  2.293   5.895   1.00 0.00 ? 8  IDS A C2   2 
HETATM 483 C C3   . IDS A 1 . ? 3.124  2.862   5.386   1.00 0.00 ? 8  IDS A C3   2 
HETATM 484 C C4   . IDS A 1 . ? 3.038  4.386   5.223   1.00 0.00 ? 8  IDS A C4   2 
HETATM 485 C C5   . IDS A 1 . ? 1.785  4.742   4.400   1.00 0.00 ? 8  IDS A C5   2 
HETATM 486 C C6   . IDS A 1 . ? 1.559  6.237   4.194   1.00 0.00 ? 8  IDS A C6   2 
HETATM 487 O O2   . IDS A 1 . ? 1.628  2.700   7.239   1.00 0.00 ? 8  IDS A O2   2 
HETATM 488 O O3   . IDS A 1 . ? 3.394  2.314   4.113   1.00 0.00 ? 8  IDS A O3   2 
HETATM 489 O O4   . IDS A 1 . ? 2.959  5.083   6.458   1.00 0.00 ? 8  IDS A O4   2 
HETATM 490 O O5   . IDS A 1 . ? 0.623  4.195   4.995   1.00 0.00 ? 8  IDS A O5   2 
HETATM 491 O O6A  . IDS A 1 . ? 0.572  6.633   3.618   1.00 0.00 ? 8  IDS A O6A  2 
HETATM 492 O O6B  . IDS A 1 . ? 2.344  7.069   4.584   1.00 0.00 ? 8  IDS A O6B  2 
HETATM 493 S S    . IDS A 1 . ? 1.069  1.884   8.445   1.00 0.00 ? 8  IDS A S    2 
HETATM 494 O O1S  . IDS A 1 . ? 1.539  0.536   8.340   1.00 0.00 ? 8  IDS A O1S  2 
HETATM 495 O O2S  . IDS A 1 . ? 1.607  2.537   9.604   1.00 0.00 ? 8  IDS A O2S  2 
HETATM 496 O O3S  . IDS A 1 . ? -0.357 1.999   8.365   1.00 0.00 ? 8  IDS A O3S  2 
HETATM 497 H H1   . IDS A 1 . ? -0.341 2.533   5.585   1.00 0.00 ? 8  IDS A H1   2 
HETATM 498 H H2   . IDS A 1 . ? 1.832  1.177   5.863   1.00 0.00 ? 8  IDS A H2   2 
HETATM 499 H H3   . IDS A 1 . ? 3.978  2.544   6.027   1.00 0.00 ? 8  IDS A H3   2 
HETATM 500 H H4   . IDS A 1 . ? 3.935  4.752   4.668   1.00 0.00 ? 8  IDS A H4   2 
HETATM 501 H H5   . IDS A 1 . ? 1.880  4.322   3.371   1.00 0.00 ? 8  IDS A H5   2 
HETATM 502 H HO3  . IDS A 1 . ? 3.595  1.398   4.207   1.00 0.00 ? 8  IDS A HO3  2 
HETATM 503 C C1   . SGN A 1 . ? 4.166  5.446   7.061   1.00 0.00 ? 9  SGN A C1   2 
HETATM 504 C C2   . SGN A 1 . ? 3.972  5.614   8.578   1.00 0.00 ? 9  SGN A C2   2 
HETATM 505 C C3   . SGN A 1 . ? 3.208  6.916   8.868   1.00 0.00 ? 9  SGN A C3   2 
HETATM 506 C C4   . SGN A 1 . ? 3.934  8.098   8.210   1.00 0.00 ? 9  SGN A C4   2 
HETATM 507 C C5   . SGN A 1 . ? 4.068  7.788   6.709   1.00 0.00 ? 9  SGN A C5   2 
HETATM 508 C C6   . SGN A 1 . ? 4.791  8.849   5.870   1.00 0.00 ? 9  SGN A C6   2 
HETATM 509 N N2   . SGN A 1 . ? 3.268  4.444   9.100   1.00 0.00 ? 9  SGN A N2   2 
HETATM 510 O O3   . SGN A 1 . ? 3.164  7.132   10.261  1.00 0.00 ? 9  SGN A O3   2 
HETATM 511 O O4   . SGN A 1 . ? 3.118  9.243   8.397   1.00 0.00 ? 9  SGN A O4   2 
HETATM 512 O O5   . SGN A 1 . ? 4.782  6.578   6.519   1.00 0.00 ? 9  SGN A O5   2 
HETATM 513 O O6   . SGN A 1 . ? 6.064  9.083   6.430   1.00 0.00 ? 9  SGN A O6   2 
HETATM 514 S S1   . SGN A 1 . ? 3.886  3.645   10.384  1.00 0.00 ? 9  SGN A S1   2 
HETATM 515 O O1S  . SGN A 1 . ? 5.116  3.066   9.928   1.00 0.00 ? 9  SGN A O1S  2 
HETATM 516 O O2S  . SGN A 1 . ? 4.067  4.584   11.449  1.00 0.00 ? 9  SGN A O2S  2 
HETATM 517 O O3S  . SGN A 1 . ? 2.905  2.645   10.710  1.00 0.00 ? 9  SGN A O3S  2 
HETATM 518 S S2   . SGN A 1 . ? 7.107  10.159  5.980   1.00 0.00 ? 9  SGN A S2   2 
HETATM 519 O O4S  . SGN A 1 . ? 6.433  11.422  5.947   1.00 0.00 ? 9  SGN A O4S  2 
HETATM 520 O O5S  . SGN A 1 . ? 8.122  10.109  6.995   1.00 0.00 ? 9  SGN A O5S  2 
HETATM 521 O O6S  . SGN A 1 . ? 7.585  9.737   4.698   1.00 0.00 ? 9  SGN A O6S  2 
HETATM 522 H H1   . SGN A 1 . ? 4.882  4.607   6.908   1.00 0.00 ? 9  SGN A H1   2 
HETATM 523 H H2   . SGN A 1 . ? 4.990  5.707   9.032   1.00 0.00 ? 9  SGN A H2   2 
HETATM 524 H H3   . SGN A 1 . ? 2.152  6.858   8.507   1.00 0.00 ? 9  SGN A H3   2 
HETATM 525 H H4   . SGN A 1 . ? 4.931  8.236   8.694   1.00 0.00 ? 9  SGN A H4   2 
HETATM 526 H H5   . SGN A 1 . ? 3.051  7.668   6.270   1.00 0.00 ? 9  SGN A H5   2 
HETATM 527 H H61  . SGN A 1 . ? 4.937  8.491   4.824   1.00 0.00 ? 9  SGN A H61  2 
HETATM 528 H H62  . SGN A 1 . ? 4.217  9.804   5.841   1.00 0.00 ? 9  SGN A H62  2 
HETATM 529 H HN21 . SGN A 1 . ? 2.273  4.611   9.202   1.00 0.00 ? 9  SGN A HN21 2 
HETATM 530 H HO3  . SGN A 1 . ? 2.528  6.552   10.639  1.00 0.00 ? 9  SGN A HO3  2 
HETATM 531 C C1   . IDS A 1 . ? 3.750  10.406  8.847   1.00 0.00 ? 10 IDS A C1   2 
HETATM 532 C C2   . IDS A 1 . ? 2.853  11.599  8.499   1.00 0.00 ? 10 IDS A C2   2 
HETATM 533 C C3   . IDS A 1 . ? 1.609  11.653  9.393   1.00 0.00 ? 10 IDS A C3   2 
HETATM 534 C C4   . IDS A 1 . ? 1.995  11.531  10.874  1.00 0.00 ? 10 IDS A C4   2 
HETATM 535 C C5   . IDS A 1 . ? 2.915  10.310  11.063  1.00 0.00 ? 10 IDS A C5   2 
HETATM 536 C C6   . IDS A 1 . ? 3.407  10.093  12.489  1.00 0.00 ? 10 IDS A C6   2 
HETATM 537 O O2   . IDS A 1 . ? 3.583  12.795  8.689   1.00 0.00 ? 10 IDS A O2   2 
HETATM 538 O O3   . IDS A 1 . ? 0.775  10.557  9.079   1.00 0.00 ? 10 IDS A O3   2 
HETATM 539 O O4   . IDS A 1 . ? 2.678  12.670  11.375  1.00 0.00 ? 10 IDS A O4   2 
HETATM 540 O O5   . IDS A 1 . ? 4.046  10.398  10.214  1.00 0.00 ? 10 IDS A O5   2 
HETATM 541 O O6A  . IDS A 1 . ? 4.186  9.203   12.741  1.00 0.00 ? 10 IDS A O6A  2 
HETATM 542 O O6B  . IDS A 1 . ? 3.039  10.783  13.411  1.00 0.00 ? 10 IDS A O6B  2 
HETATM 543 S S    . IDS A 1 . ? 4.324  13.667  7.626   1.00 0.00 ? 10 IDS A S    2 
HETATM 544 O O1S  . IDS A 1 . ? 3.536  13.696  6.431   1.00 0.00 ? 10 IDS A O1S  2 
HETATM 545 O O2S  . IDS A 1 . ? 4.411  14.969  8.226   1.00 0.00 ? 10 IDS A O2S  2 
HETATM 546 O O3S  . IDS A 1 . ? 5.608  13.059  7.452   1.00 0.00 ? 10 IDS A O3S  2 
HETATM 547 H H1   . IDS A 1 . ? 4.726  10.515  8.323   1.00 0.00 ? 10 IDS A H1   2 
HETATM 548 H H2   . IDS A 1 . ? 2.539  11.539  7.429   1.00 0.00 ? 10 IDS A H2   2 
HETATM 549 H H3   . IDS A 1 . ? 0.993  12.558  9.181   1.00 0.00 ? 10 IDS A H3   2 
HETATM 550 H H4   . IDS A 1 . ? 1.075  11.371  11.486  1.00 0.00 ? 10 IDS A H4   2 
HETATM 551 H H5   . IDS A 1 . ? 2.361  9.379   10.803  1.00 0.00 ? 10 IDS A H5   2 
HETATM 552 H HO3  . IDS A 1 . ? 0.409  10.684  8.221   1.00 0.00 ? 10 IDS A HO3  2 
HETATM 553 C C1   . SGN A 1 . ? 1.890  13.700  11.904  1.00 0.00 ? 11 SGN A C1   2 
HETATM 554 C C2   . SGN A 1 . ? 2.653  15.034  11.834  1.00 0.00 ? 11 SGN A C2   2 
HETATM 555 C C3   . SGN A 1 . ? 3.759  15.066  12.899  1.00 0.00 ? 11 SGN A C3   2 
HETATM 556 C C4   . SGN A 1 . ? 3.153  14.778  14.281  1.00 0.00 ? 11 SGN A C4   2 
HETATM 557 C C5   . SGN A 1 . ? 2.420  13.429  14.199  1.00 0.00 ? 11 SGN A C5   2 
HETATM 558 C C6   . SGN A 1 . ? 1.723  12.967  15.486  1.00 0.00 ? 11 SGN A C6   2 
HETATM 559 N N2   . SGN A 1 . ? 3.191  15.204  10.485  1.00 0.00 ? 11 SGN A N2   2 
HETATM 560 O O3   . SGN A 1 . ? 4.350  16.346  12.924  1.00 0.00 ? 11 SGN A O3   2 
HETATM 561 O O4   . SGN A 1 . ? 4.231  14.687  15.198  1.00 0.00 ? 11 SGN A O4   2 
HETATM 562 O O5   . SGN A 1 . ? 1.415  13.475  13.198  1.00 0.00 ? 11 SGN A O5   2 
HETATM 563 O O6   . SGN A 1 . ? 0.829  13.976  15.907  1.00 0.00 ? 11 SGN A O6   2 
HETATM 564 S S1   . SGN A 1 . ? 2.904  16.595  9.677   1.00 0.00 ? 11 SGN A S1   2 
HETATM 565 O O1S  . SGN A 1 . ? 1.491  16.616  9.430   1.00 0.00 ? 11 SGN A O1S  2 
HETATM 566 O O2S  . SGN A 1 . ? 3.346  17.688  10.492  1.00 0.00 ? 11 SGN A O2S  2 
HETATM 567 O O3S  . SGN A 1 . ? 3.663  16.486  8.463   1.00 0.00 ? 11 SGN A O3S  2 
HETATM 568 S S2   . SGN A 1 . ? -0.012 13.997  17.225  1.00 0.00 ? 11 SGN A S2   2 
HETATM 569 O O4S  . SGN A 1 . ? 0.890  13.761  18.313  1.00 0.00 ? 11 SGN A O4S  2 
HETATM 570 O O5S  . SGN A 1 . ? -0.576 15.318  17.260  1.00 0.00 ? 11 SGN A O5S  2 
HETATM 571 O O6S  . SGN A 1 . ? -1.005 12.974  17.078  1.00 0.00 ? 11 SGN A O6S  2 
HETATM 572 H H1   . SGN A 1 . ? 0.990  13.797  11.258  1.00 0.00 ? 11 SGN A H1   2 
HETATM 573 H H2   . SGN A 1 . ? 1.920  15.843  12.080  1.00 0.00 ? 11 SGN A H2   2 
HETATM 574 H H3   . SGN A 1 . ? 4.567  14.331  12.669  1.00 0.00 ? 11 SGN A H3   2 
HETATM 575 H H4   . SGN A 1 . ? 2.460  15.609  14.562  1.00 0.00 ? 11 SGN A H4   2 
HETATM 576 H H5   . SGN A 1 . ? 3.151  12.633  13.926  1.00 0.00 ? 11 SGN A H5   2 
HETATM 577 H H61  . SGN A 1 . ? 1.129  12.040  15.299  1.00 0.00 ? 11 SGN A H61  2 
HETATM 578 H H62  . SGN A 1 . ? 2.461  12.762  16.295  1.00 0.00 ? 11 SGN A H62  2 
HETATM 579 H HN21 . SGN A 1 . ? 4.166  14.931  10.428  1.00 0.00 ? 11 SGN A HN21 2 
HETATM 580 H HO3  . SGN A 1 . ? 4.921  16.434  12.182  1.00 0.00 ? 11 SGN A HO3  2 
HETATM 581 C C1   . IDS A 1 . ? 4.104  15.389  16.400  1.00 0.00 ? 12 IDS A C1   2 
HETATM 582 C C2   . IDS A 1 . ? 5.075  14.775  17.415  1.00 0.00 ? 12 IDS A C2   2 
HETATM 583 C C3   . IDS A 1 . ? 6.530  15.133  17.094  1.00 0.00 ? 12 IDS A C3   2 
HETATM 584 C C4   . IDS A 1 . ? 6.685  16.644  16.867  1.00 0.00 ? 12 IDS A C4   2 
HETATM 585 C C5   . IDS A 1 . ? 5.627  17.117  15.852  1.00 0.00 ? 12 IDS A C5   2 
HETATM 586 C C6   . IDS A 1 . ? 5.643  18.615  15.564  1.00 0.00 ? 12 IDS A C6   2 
HETATM 587 O O2   . IDS A 1 . ? 4.773  15.274  18.703  1.00 0.00 ? 12 IDS A O2   2 
HETATM 588 O O3   . IDS A 1 . ? 6.905  14.483  15.896  1.00 0.00 ? 12 IDS A O3   2 
HETATM 589 O O4   . IDS A 1 . ? 6.523  17.411  18.051  1.00 0.00 ? 12 IDS A O4   2 
HETATM 590 O O5   . IDS A 1 . ? 4.325  16.764  16.284  1.00 0.00 ? 12 IDS A O5   2 
HETATM 591 O O6A  . IDS A 1 . ? 4.817  19.107  14.831  1.00 0.00 ? 12 IDS A O6A  2 
HETATM 592 O O6B  . IDS A 1 . ? 6.473  19.356  16.040  1.00 0.00 ? 12 IDS A O6B  2 
HETATM 593 S S    . IDS A 1 . ? 3.935  14.606  19.838  1.00 0.00 ? 12 IDS A S    2 
HETATM 594 O O1S  . IDS A 1 . ? 4.223  13.204  19.853  1.00 0.00 ? 12 IDS A O1S  2 
HETATM 595 O O2S  . IDS A 1 . ? 4.384  15.246  21.041  1.00 0.00 ? 12 IDS A O2S  2 
HETATM 596 O O3S  . IDS A 1 . ? 2.566  14.906  19.536  1.00 0.00 ? 12 IDS A O3S  2 
HETATM 597 H H1   . IDS A 1 . ? 3.062  15.279  16.776  1.00 0.00 ? 12 IDS A H1   2 
HETATM 598 H H2   . IDS A 1 . ? 4.961  13.664  17.428  1.00 0.00 ? 12 IDS A H2   2 
HETATM 599 H H3   . IDS A 1 . ? 7.230  14.740  17.869  1.00 0.00 ? 12 IDS A H3   2 
HETATM 600 H H4   . IDS A 1 . ? 7.693  16.856  16.444  1.00 0.00 ? 12 IDS A H4   2 
HETATM 601 H H5   . IDS A 1 . ? 5.810  16.634  14.866  1.00 0.00 ? 12 IDS A H5   2 
HETATM 602 H HO3  . IDS A 1 . ? 6.959  13.557  16.051  1.00 0.00 ? 12 IDS A HO3  2 
# 
